data_6MDE
#
_entry.id   6MDE
#
_cell.length_a   54.050
_cell.length_b   59.330
_cell.length_c   191.100
_cell.angle_alpha   90.00
_cell.angle_beta   90.00
_cell.angle_gamma   90.00
#
_symmetry.space_group_name_H-M   'P 21 21 21'
#
loop_
_entity.id
_entity.type
_entity.pdbx_description
1 polymer 'Mevalonate kinase'
2 non-polymer (R)-MEVALONATE
3 non-polymer 'POTASSIUM ION'
4 non-polymer GLYCEROL
5 water water
#
_entity_poly.entity_id   1
_entity_poly.type   'polypeptide(L)'
_entity_poly.pdbx_seq_one_letter_code
;GHMVSCSAPGKIYLFGEHAVVYGETAIACAVELRTRVRAELNDSITIQSQIGRTGLDFEKHPYVSAVIEKMRKSIPINGV
FLTVDSDIPVGSGLGSSAAVTIASIGALNELFGFGLSLQEIAKLGHEIEIKVQGAASPTDTYVSTFGGVVTIPERRKLKT
PDCGIVIGDTGVFSSTKELVANVRQLRESYPDLIEPLMTSIGKISRIGEQLVLSGDYASIGRLMNVNQGLLDALGVNILE
LSQLIYSARAAGAFGAKITGAGGGGCMVALTAPEKCNQVAEAVAGAGGKVTITKPTEQGLKVD
;
_entity_poly.pdbx_strand_id   A,B
#
loop_
_chem_comp.id
_chem_comp.type
_chem_comp.name
_chem_comp.formula
GOL non-polymer GLYCEROL 'C3 H8 O3'
K non-polymer 'POTASSIUM ION' 'K 1'
MEV non-polymer (R)-MEVALONATE 'C6 H11 O4 -1'
#
# COMPACT_ATOMS: atom_id res chain seq x y z
N HIS A 2 -22.58 37.28 29.83
CA HIS A 2 -22.94 37.20 28.41
C HIS A 2 -21.85 36.50 27.62
N MET A 3 -21.30 35.44 28.21
CA MET A 3 -20.19 34.68 27.65
C MET A 3 -20.70 33.30 27.23
N VAL A 4 -20.85 33.10 25.93
CA VAL A 4 -21.37 31.85 25.37
C VAL A 4 -20.20 31.06 24.78
N SER A 5 -20.32 29.74 24.84
CA SER A 5 -19.32 28.84 24.26
C SER A 5 -20.03 27.70 23.55
N CYS A 6 -19.56 27.37 22.34
CA CYS A 6 -20.01 26.18 21.62
C CYS A 6 -18.82 25.35 21.20
N SER A 7 -19.05 24.03 21.04
CA SER A 7 -18.03 23.15 20.48
C SER A 7 -18.65 22.23 19.44
N ALA A 8 -17.82 21.81 18.49
CA ALA A 8 -18.13 20.84 17.43
C ALA A 8 -16.94 19.88 17.27
N PRO A 9 -17.19 18.62 16.96
CA PRO A 9 -16.12 17.63 16.89
C PRO A 9 -15.47 17.55 15.51
N GLY A 10 -14.29 16.98 15.50
CA GLY A 10 -13.67 16.53 14.27
C GLY A 10 -14.19 15.17 13.88
N LYS A 11 -13.60 14.61 12.84
CA LYS A 11 -14.07 13.32 12.36
C LYS A 11 -12.92 12.57 11.70
N ILE A 12 -13.08 11.26 11.60
CA ILE A 12 -12.23 10.39 10.81
C ILE A 12 -13.11 9.64 9.83
N TYR A 13 -12.46 9.12 8.80
CA TYR A 13 -13.08 8.19 7.88
C TYR A 13 -12.74 6.78 8.30
N LEU A 14 -13.76 6.00 8.67
CA LEU A 14 -13.58 4.57 8.77
C LEU A 14 -13.26 3.99 7.39
N PHE A 15 -14.04 4.36 6.37
CA PHE A 15 -13.81 3.88 5.00
C PHE A 15 -14.19 4.96 4.00
N GLY A 16 -13.62 4.85 2.80
CA GLY A 16 -14.17 5.44 1.60
C GLY A 16 -13.70 6.82 1.19
N GLU A 17 -12.75 7.42 1.90
CA GLU A 17 -12.22 8.69 1.42
C GLU A 17 -11.68 8.53 -0.01
N HIS A 18 -11.68 9.65 -0.75
CA HIS A 18 -11.27 9.77 -2.14
C HIS A 18 -12.27 9.18 -3.14
N ALA A 19 -12.90 8.06 -2.80
CA ALA A 19 -13.85 7.41 -3.73
C ALA A 19 -15.24 8.05 -3.72
N VAL A 20 -15.61 8.81 -2.68
CA VAL A 20 -16.94 9.42 -2.63
C VAL A 20 -17.21 10.28 -3.87
N VAL A 21 -16.23 11.10 -4.28
CA VAL A 21 -16.49 12.01 -5.40
C VAL A 21 -16.68 11.28 -6.71
N TYR A 22 -16.40 9.98 -6.75
CA TYR A 22 -16.70 9.19 -7.93
C TYR A 22 -17.95 8.36 -7.74
N GLY A 23 -18.81 8.75 -6.79
CA GLY A 23 -20.09 8.13 -6.61
C GLY A 23 -20.14 7.00 -5.63
N GLU A 24 -19.05 6.75 -4.90
CA GLU A 24 -19.01 5.58 -4.03
C GLU A 24 -19.36 5.96 -2.60
N THR A 25 -19.70 4.95 -1.81
CA THR A 25 -20.12 5.13 -0.44
C THR A 25 -18.91 5.22 0.49
N ALA A 26 -19.03 6.02 1.55
CA ALA A 26 -18.01 6.14 2.57
C ALA A 26 -18.69 6.14 3.93
N ILE A 27 -17.90 5.87 4.98
CA ILE A 27 -18.40 5.93 6.36
C ILE A 27 -17.51 6.86 7.17
N ALA A 28 -18.09 7.94 7.68
CA ALA A 28 -17.41 8.89 8.55
C ALA A 28 -17.89 8.76 9.99
N CYS A 29 -17.04 9.22 10.90
CA CYS A 29 -17.21 9.00 12.34
C CYS A 29 -16.65 10.21 13.09
N ALA A 30 -17.54 11.00 13.69
CA ALA A 30 -17.12 12.07 14.59
C ALA A 30 -16.35 11.50 15.76
N VAL A 31 -15.32 12.22 16.22
CA VAL A 31 -14.51 11.75 17.35
C VAL A 31 -14.46 12.84 18.42
N GLU A 32 -14.07 12.44 19.63
CA GLU A 32 -14.10 13.39 20.75
C GLU A 32 -12.86 14.28 20.81
N LEU A 33 -12.46 14.82 19.66
CA LEU A 33 -11.57 15.97 19.59
C LEU A 33 -12.40 17.12 19.01
N ARG A 34 -12.55 18.21 19.78
CA ARG A 34 -13.50 19.26 19.42
C ARG A 34 -12.78 20.60 19.32
N THR A 35 -13.33 21.47 18.49
CA THR A 35 -12.99 22.89 18.49
C THR A 35 -14.04 23.66 19.31
N ARG A 36 -13.58 24.50 20.23
CA ARG A 36 -14.44 25.36 21.03
C ARG A 36 -14.32 26.81 20.58
N VAL A 37 -15.47 27.48 20.44
CA VAL A 37 -15.53 28.91 20.14
C VAL A 37 -16.32 29.61 21.24
N ARG A 38 -15.67 30.55 21.91
CA ARG A 38 -16.37 31.38 22.88
C ARG A 38 -16.65 32.73 22.27
N ALA A 39 -17.85 33.25 22.50
CA ALA A 39 -18.31 34.48 21.88
C ALA A 39 -18.78 35.45 22.96
N GLU A 40 -18.50 36.73 22.76
CA GLU A 40 -18.88 37.78 23.70
C GLU A 40 -19.25 39.02 22.91
N LEU A 41 -20.18 39.79 23.47
CA LEU A 41 -20.43 41.13 22.96
C LEU A 41 -19.15 41.95 23.04
N ASN A 42 -18.92 42.78 22.02
CA ASN A 42 -17.72 43.60 21.93
C ASN A 42 -18.03 44.85 21.12
N ASP A 43 -17.14 45.83 21.24
N ASP A 43 -17.16 45.85 21.24
CA ASP A 43 -17.30 47.08 20.50
CA ASP A 43 -17.35 47.08 20.47
C ASP A 43 -16.97 46.91 19.02
C ASP A 43 -16.96 46.93 19.01
N SER A 44 -16.12 45.94 18.69
CA SER A 44 -15.65 45.71 17.33
C SER A 44 -15.64 44.21 17.10
N ILE A 45 -15.19 43.79 15.92
CA ILE A 45 -15.08 42.37 15.59
C ILE A 45 -13.64 41.94 15.86
N THR A 46 -13.46 40.97 16.73
CA THR A 46 -12.13 40.46 17.03
C THR A 46 -12.20 38.95 17.10
N ILE A 47 -11.25 38.30 16.43
CA ILE A 47 -11.12 36.85 16.42
C ILE A 47 -9.73 36.49 16.94
N GLN A 48 -9.67 35.63 17.92
CA GLN A 48 -8.38 35.16 18.44
C GLN A 48 -8.35 33.65 18.39
N SER A 49 -7.27 33.11 17.87
CA SER A 49 -7.06 31.68 17.81
C SER A 49 -5.57 31.42 18.00
N GLN A 50 -5.18 30.18 17.73
CA GLN A 50 -3.79 29.77 17.84
C GLN A 50 -2.86 30.62 16.99
N ILE A 51 -3.34 31.21 15.90
CA ILE A 51 -2.44 31.98 15.05
C ILE A 51 -2.58 33.48 15.30
N GLY A 52 -3.24 33.88 16.39
CA GLY A 52 -3.21 35.25 16.85
C GLY A 52 -4.57 35.93 16.79
N ARG A 53 -4.52 37.25 16.92
CA ARG A 53 -5.71 38.07 17.07
C ARG A 53 -5.85 38.99 15.87
N THR A 54 -7.04 38.98 15.27
CA THR A 54 -7.33 39.79 14.10
C THR A 54 -8.71 40.39 14.29
N GLY A 55 -9.08 41.25 13.36
CA GLY A 55 -10.47 41.57 13.09
C GLY A 55 -11.01 40.56 12.10
N LEU A 56 -11.84 41.04 11.19
CA LEU A 56 -12.31 40.28 10.03
C LEU A 56 -11.05 40.09 9.17
N ASP A 57 -10.70 38.86 8.86
CA ASP A 57 -9.41 38.57 8.22
C ASP A 57 -9.46 37.22 7.52
N PHE A 58 -9.51 37.25 6.20
CA PHE A 58 -9.73 36.07 5.38
C PHE A 58 -8.44 35.34 5.02
N GLU A 59 -7.29 35.87 5.45
CA GLU A 59 -6.03 35.16 5.38
C GLU A 59 -5.81 34.34 6.64
N LYS A 60 -6.08 34.92 7.81
CA LYS A 60 -5.81 34.20 9.04
C LYS A 60 -7.04 33.46 9.54
N HIS A 61 -8.22 34.06 9.42
CA HIS A 61 -9.44 33.51 10.00
C HIS A 61 -10.56 33.44 8.97
N PRO A 62 -10.33 32.77 7.83
CA PRO A 62 -11.31 32.86 6.73
C PRO A 62 -12.68 32.27 7.06
N TYR A 63 -12.72 31.13 7.76
CA TYR A 63 -14.01 30.49 8.06
C TYR A 63 -14.82 31.31 9.07
N VAL A 64 -14.18 31.69 10.19
CA VAL A 64 -14.87 32.51 11.19
C VAL A 64 -15.32 33.83 10.58
N SER A 65 -14.45 34.45 9.78
CA SER A 65 -14.81 35.73 9.19
C SER A 65 -15.98 35.59 8.23
N ALA A 66 -16.01 34.50 7.47
CA ALA A 66 -17.13 34.27 6.55
C ALA A 66 -18.41 34.02 7.32
N VAL A 67 -18.33 33.32 8.45
CA VAL A 67 -19.52 33.09 9.28
C VAL A 67 -20.10 34.42 9.74
N ILE A 68 -19.26 35.27 10.33
CA ILE A 68 -19.69 36.59 10.81
C ILE A 68 -20.32 37.38 9.66
N GLU A 69 -19.65 37.44 8.51
CA GLU A 69 -20.19 38.21 7.40
C GLU A 69 -21.54 37.67 6.95
N LYS A 70 -21.68 36.35 6.86
CA LYS A 70 -22.94 35.76 6.41
C LYS A 70 -24.04 36.00 7.43
N MET A 71 -23.79 35.68 8.69
CA MET A 71 -24.85 35.79 9.69
C MET A 71 -25.21 37.23 10.01
N ARG A 72 -24.32 38.19 9.77
CA ARG A 72 -24.66 39.56 10.11
C ARG A 72 -25.69 40.15 9.16
N LYS A 73 -26.00 39.46 8.06
CA LYS A 73 -27.02 39.93 7.12
C LYS A 73 -28.44 39.63 7.59
N SER A 74 -28.61 38.70 8.54
CA SER A 74 -29.94 38.42 9.09
C SER A 74 -30.21 39.20 10.38
N ILE A 75 -29.28 39.16 11.32
CA ILE A 75 -29.31 40.01 12.50
C ILE A 75 -27.99 40.79 12.51
N PRO A 76 -28.02 42.12 12.43
CA PRO A 76 -26.77 42.87 12.27
C PRO A 76 -25.86 42.68 13.48
N ILE A 77 -24.56 42.45 13.19
CA ILE A 77 -23.53 42.24 14.19
C ILE A 77 -22.57 43.42 14.12
N ASN A 78 -22.67 44.27 15.13
CA ASN A 78 -21.83 45.43 15.29
C ASN A 78 -20.41 45.05 15.68
N GLY A 79 -20.29 44.27 16.73
CA GLY A 79 -19.02 43.76 17.20
C GLY A 79 -19.22 42.46 17.96
N VAL A 80 -18.12 41.75 18.15
CA VAL A 80 -18.13 40.47 18.84
C VAL A 80 -16.68 40.05 19.02
N PHE A 81 -16.41 39.31 20.09
CA PHE A 81 -15.10 38.76 20.37
C PHE A 81 -15.23 37.25 20.36
N LEU A 82 -14.61 36.59 19.38
CA LEU A 82 -14.62 35.14 19.24
C LEU A 82 -13.24 34.59 19.59
N THR A 83 -13.20 33.65 20.52
CA THR A 83 -11.97 32.97 20.87
C THR A 83 -12.11 31.51 20.47
N VAL A 84 -11.15 31.02 19.69
CA VAL A 84 -11.15 29.67 19.15
C VAL A 84 -10.03 28.88 19.84
N ASP A 85 -10.36 27.72 20.38
CA ASP A 85 -9.32 26.76 20.70
C ASP A 85 -9.79 25.36 20.34
N SER A 86 -8.83 24.51 19.99
CA SER A 86 -9.12 23.25 19.35
C SER A 86 -8.12 22.18 19.77
N ASP A 87 -8.59 20.93 19.80
CA ASP A 87 -7.70 19.78 19.84
C ASP A 87 -7.45 19.20 18.46
N ILE A 88 -8.10 19.72 17.42
CA ILE A 88 -7.99 19.18 16.06
C ILE A 88 -6.81 19.89 15.38
N PRO A 89 -5.71 19.20 15.11
CA PRO A 89 -4.61 19.83 14.39
C PRO A 89 -5.01 20.19 12.97
N VAL A 90 -4.81 21.46 12.61
CA VAL A 90 -4.97 21.89 11.23
C VAL A 90 -3.89 21.17 10.44
N GLY A 91 -4.27 20.12 9.71
CA GLY A 91 -3.25 19.36 9.02
C GLY A 91 -3.73 18.11 8.30
N SER A 92 -4.72 17.40 8.84
CA SER A 92 -5.10 16.15 8.23
C SER A 92 -6.57 16.06 7.85
N GLY A 93 -7.06 14.83 7.75
CA GLY A 93 -8.47 14.57 7.51
C GLY A 93 -9.18 14.38 8.84
N LEU A 94 -9.06 15.39 9.70
CA LEU A 94 -9.76 15.41 10.97
C LEU A 94 -10.89 16.45 11.02
N GLY A 95 -11.05 17.28 10.00
CA GLY A 95 -12.18 18.19 9.94
C GLY A 95 -12.07 19.46 10.75
N SER A 96 -10.90 20.09 10.76
CA SER A 96 -10.71 21.26 11.61
C SER A 96 -11.47 22.46 11.08
N SER A 97 -11.53 22.60 9.75
CA SER A 97 -12.26 23.72 9.16
C SER A 97 -13.74 23.62 9.42
N ALA A 98 -14.31 22.39 9.33
CA ALA A 98 -15.74 22.25 9.56
C ALA A 98 -16.08 22.50 11.02
N ALA A 99 -15.19 22.09 11.92
CA ALA A 99 -15.46 22.18 13.34
C ALA A 99 -15.52 23.63 13.79
N VAL A 100 -14.58 24.44 13.33
CA VAL A 100 -14.58 25.83 13.74
C VAL A 100 -15.73 26.57 13.05
N THR A 101 -16.09 26.18 11.82
CA THR A 101 -17.25 26.75 11.15
C THR A 101 -18.54 26.48 11.93
N ILE A 102 -18.80 25.20 12.23
CA ILE A 102 -20.02 24.83 12.95
C ILE A 102 -20.01 25.41 14.36
N ALA A 103 -18.87 25.36 15.04
CA ALA A 103 -18.82 25.94 16.38
C ALA A 103 -19.03 27.46 16.34
N SER A 104 -18.47 28.15 15.33
CA SER A 104 -18.70 29.59 15.19
C SER A 104 -20.18 29.92 14.95
N ILE A 105 -20.85 29.14 14.11
CA ILE A 105 -22.27 29.36 13.85
C ILE A 105 -23.06 29.10 15.12
N GLY A 106 -22.74 28.01 15.82
CA GLY A 106 -23.38 27.73 17.09
C GLY A 106 -23.20 28.86 18.10
N ALA A 107 -21.97 29.35 18.26
CA ALA A 107 -21.74 30.43 19.23
C ALA A 107 -22.57 31.69 18.90
N LEU A 108 -22.58 32.10 17.63
CA LEU A 108 -23.31 33.30 17.27
C LEU A 108 -24.82 33.09 17.33
N ASN A 109 -25.28 31.89 16.98
CA ASN A 109 -26.69 31.56 17.13
C ASN A 109 -27.12 31.74 18.58
N GLU A 110 -26.32 31.25 19.50
CA GLU A 110 -26.61 31.38 20.92
C GLU A 110 -26.52 32.84 21.41
N LEU A 111 -25.42 33.48 21.08
CA LEU A 111 -25.19 34.84 21.50
C LEU A 111 -26.23 35.84 21.00
N PHE A 112 -26.66 35.76 19.76
CA PHE A 112 -27.55 36.74 19.19
C PHE A 112 -28.97 36.24 18.96
N GLY A 113 -29.29 35.01 19.38
CA GLY A 113 -30.64 34.49 19.24
C GLY A 113 -31.12 34.33 17.81
N PHE A 114 -30.27 33.81 16.92
CA PHE A 114 -30.74 33.51 15.58
C PHE A 114 -31.77 32.40 15.57
N GLY A 115 -31.78 31.56 16.59
CA GLY A 115 -32.76 30.47 16.67
C GLY A 115 -32.64 29.46 15.55
N LEU A 116 -31.42 29.16 15.11
CA LEU A 116 -31.23 28.24 13.99
C LEU A 116 -31.37 26.81 14.48
N SER A 117 -31.97 25.96 13.63
CA SER A 117 -31.97 24.53 13.93
C SER A 117 -30.63 23.91 13.54
N LEU A 118 -30.39 22.69 14.05
CA LEU A 118 -29.20 21.94 13.64
C LEU A 118 -29.15 21.76 12.13
N GLN A 119 -30.28 21.41 11.51
CA GLN A 119 -30.31 21.23 10.07
C GLN A 119 -29.97 22.52 9.36
N GLU A 120 -30.50 23.63 9.86
CA GLU A 120 -30.17 24.92 9.24
C GLU A 120 -28.70 25.24 9.46
N ILE A 121 -28.16 24.85 10.61
CA ILE A 121 -26.76 25.14 10.92
C ILE A 121 -25.85 24.36 9.99
N ALA A 122 -26.12 23.06 9.79
CA ALA A 122 -25.31 22.25 8.89
C ALA A 122 -25.36 22.82 7.48
N LYS A 123 -26.53 23.28 7.05
CA LYS A 123 -26.66 23.85 5.71
C LYS A 123 -25.88 25.15 5.60
N LEU A 124 -25.99 26.01 6.61
CA LEU A 124 -25.21 27.24 6.63
C LEU A 124 -23.72 26.93 6.64
N GLY A 125 -23.30 25.93 7.42
CA GLY A 125 -21.89 25.57 7.45
C GLY A 125 -21.40 25.11 6.10
N HIS A 126 -22.27 24.43 5.35
CA HIS A 126 -21.91 24.03 4.01
C HIS A 126 -21.70 25.25 3.12
N GLU A 127 -22.65 26.18 3.15
CA GLU A 127 -22.53 27.41 2.36
C GLU A 127 -21.25 28.17 2.69
N ILE A 128 -20.86 28.21 3.97
CA ILE A 128 -19.63 28.92 4.33
C ILE A 128 -18.41 28.27 3.70
N GLU A 129 -18.34 26.94 3.73
CA GLU A 129 -17.18 26.26 3.15
C GLU A 129 -17.14 26.45 1.63
N ILE A 130 -18.30 26.53 0.99
CA ILE A 130 -18.30 26.84 -0.44
C ILE A 130 -17.76 28.25 -0.66
N LYS A 131 -18.27 29.21 0.12
CA LYS A 131 -17.73 30.57 0.06
C LYS A 131 -16.21 30.56 0.24
N VAL A 132 -15.70 29.85 1.25
CA VAL A 132 -14.26 29.94 1.53
C VAL A 132 -13.45 29.16 0.50
N GLN A 133 -13.89 27.97 0.13
CA GLN A 133 -13.08 27.09 -0.70
C GLN A 133 -13.46 27.14 -2.18
N GLY A 134 -14.57 27.80 -2.53
CA GLY A 134 -15.04 27.89 -3.90
C GLY A 134 -15.99 26.77 -4.26
N ALA A 135 -15.68 25.56 -3.79
CA ALA A 135 -16.60 24.44 -3.83
C ALA A 135 -16.29 23.57 -2.62
N ALA A 136 -17.33 22.89 -2.12
CA ALA A 136 -17.17 21.98 -1.01
C ALA A 136 -18.39 21.07 -0.95
N SER A 137 -18.17 19.84 -0.46
CA SER A 137 -19.17 18.81 -0.16
C SER A 137 -19.76 19.04 1.24
N PRO A 138 -21.06 18.78 1.41
CA PRO A 138 -21.69 19.06 2.71
C PRO A 138 -21.30 18.10 3.82
N THR A 139 -20.53 17.07 3.49
CA THR A 139 -20.23 15.99 4.42
C THR A 139 -19.56 16.51 5.68
N ASP A 140 -18.51 17.32 5.56
CA ASP A 140 -17.74 17.72 6.74
C ASP A 140 -18.62 18.47 7.74
N THR A 141 -19.36 19.45 7.28
CA THR A 141 -20.15 20.26 8.19
C THR A 141 -21.35 19.49 8.75
N TYR A 142 -21.91 18.57 7.96
CA TYR A 142 -22.98 17.71 8.47
C TYR A 142 -22.49 16.86 9.64
N VAL A 143 -21.35 16.19 9.47
CA VAL A 143 -20.89 15.27 10.53
C VAL A 143 -20.51 16.08 11.78
N SER A 144 -19.93 17.26 11.58
N SER A 144 -19.94 17.26 11.58
CA SER A 144 -19.58 18.08 12.74
CA SER A 144 -19.57 18.10 12.73
C SER A 144 -20.81 18.61 13.46
C SER A 144 -20.80 18.64 13.44
N THR A 145 -21.91 18.86 12.73
CA THR A 145 -23.13 19.32 13.39
C THR A 145 -23.81 18.20 14.18
N PHE A 146 -23.86 16.98 13.63
CA PHE A 146 -24.68 15.92 14.19
C PHE A 146 -23.93 14.83 14.92
N GLY A 147 -22.61 14.69 14.72
CA GLY A 147 -21.83 13.70 15.45
C GLY A 147 -22.13 12.27 15.00
N GLY A 148 -21.56 11.31 15.71
CA GLY A 148 -21.88 9.92 15.43
C GLY A 148 -21.18 9.35 14.22
N VAL A 149 -21.66 8.19 13.79
CA VAL A 149 -21.20 7.51 12.59
C VAL A 149 -22.25 7.66 11.52
N VAL A 150 -21.85 8.08 10.32
CA VAL A 150 -22.78 8.41 9.24
C VAL A 150 -22.18 7.99 7.91
N THR A 151 -22.97 7.28 7.10
CA THR A 151 -22.53 6.92 5.76
C THR A 151 -22.71 8.11 4.81
N ILE A 152 -21.89 8.11 3.78
CA ILE A 152 -21.85 9.18 2.79
C ILE A 152 -22.04 8.53 1.44
N PRO A 153 -23.00 8.99 0.61
CA PRO A 153 -23.82 10.19 0.84
C PRO A 153 -25.25 9.96 1.38
N GLU A 154 -25.67 8.70 1.58
CA GLU A 154 -27.04 8.47 2.04
C GLU A 154 -27.29 8.94 3.47
N ARG A 155 -26.25 9.22 4.25
CA ARG A 155 -26.39 9.72 5.63
C ARG A 155 -27.17 8.75 6.53
N ARG A 156 -27.02 7.44 6.32
CA ARG A 156 -27.52 6.51 7.31
C ARG A 156 -26.72 6.67 8.59
N LYS A 157 -27.40 6.75 9.73
CA LYS A 157 -26.75 6.82 11.03
C LYS A 157 -26.48 5.39 11.53
N LEU A 158 -25.24 5.12 11.97
CA LEU A 158 -24.84 3.79 12.36
C LEU A 158 -24.47 3.75 13.84
N LYS A 159 -24.49 2.54 14.40
CA LYS A 159 -24.13 2.34 15.79
C LYS A 159 -22.71 2.83 16.07
N THR A 160 -22.57 3.66 17.08
CA THR A 160 -21.26 4.22 17.41
C THR A 160 -20.38 3.18 18.07
N PRO A 161 -19.21 2.87 17.54
CA PRO A 161 -18.42 1.76 18.09
C PRO A 161 -17.97 2.04 19.51
N ASP A 162 -18.04 1.00 20.35
CA ASP A 162 -17.49 1.07 21.70
C ASP A 162 -16.01 0.72 21.58
N CYS A 163 -15.24 1.70 21.11
CA CYS A 163 -13.87 1.47 20.71
C CYS A 163 -12.98 2.65 21.02
N GLY A 164 -11.71 2.35 21.20
CA GLY A 164 -10.71 3.38 21.14
C GLY A 164 -10.38 3.71 19.71
N ILE A 165 -9.88 4.93 19.54
CA ILE A 165 -9.41 5.39 18.26
C ILE A 165 -8.11 6.12 18.53
N VAL A 166 -7.03 5.63 17.94
CA VAL A 166 -5.71 6.20 18.11
C VAL A 166 -5.33 6.91 16.82
N ILE A 167 -5.14 8.21 16.90
CA ILE A 167 -4.79 9.03 15.74
C ILE A 167 -3.30 9.31 15.79
N GLY A 168 -2.59 8.95 14.72
CA GLY A 168 -1.19 9.28 14.63
C GLY A 168 -0.94 10.31 13.55
N ASP A 169 -0.36 11.43 13.94
CA ASP A 169 -0.09 12.54 13.05
C ASP A 169 1.38 12.50 12.63
N THR A 170 1.61 12.40 11.33
CA THR A 170 2.97 12.37 10.80
C THR A 170 3.65 13.73 10.83
N GLY A 171 2.90 14.80 11.09
CA GLY A 171 3.44 16.13 10.99
C GLY A 171 3.76 16.60 9.59
N VAL A 172 3.47 15.81 8.56
CA VAL A 172 3.69 16.24 7.19
C VAL A 172 2.47 17.02 6.72
N PHE A 173 2.69 18.23 6.22
CA PHE A 173 1.57 19.02 5.73
C PHE A 173 1.02 18.38 4.46
N SER A 174 -0.29 18.18 4.44
CA SER A 174 -0.94 17.49 3.32
C SER A 174 -1.97 18.42 2.68
N SER A 175 -1.76 18.69 1.40
CA SER A 175 -2.65 19.57 0.63
C SER A 175 -3.72 18.74 -0.06
N THR A 176 -4.97 18.87 0.41
CA THR A 176 -6.07 18.01 -0.04
C THR A 176 -6.33 18.15 -1.55
N LYS A 177 -6.30 19.37 -2.07
CA LYS A 177 -6.68 19.57 -3.47
C LYS A 177 -5.67 18.94 -4.41
N GLU A 178 -4.39 19.03 -4.09
CA GLU A 178 -3.37 18.43 -4.95
C GLU A 178 -3.44 16.90 -4.91
N LEU A 179 -3.67 16.33 -3.74
CA LEU A 179 -3.83 14.87 -3.68
C LEU A 179 -5.09 14.43 -4.41
N VAL A 180 -6.17 15.22 -4.30
CA VAL A 180 -7.38 14.88 -5.03
C VAL A 180 -7.15 14.99 -6.53
N ALA A 181 -6.38 16.00 -6.95
CA ALA A 181 -6.07 16.17 -8.37
C ALA A 181 -5.15 15.07 -8.88
N ASN A 182 -4.18 14.67 -8.06
CA ASN A 182 -3.29 13.54 -8.40
C ASN A 182 -4.09 12.26 -8.62
N VAL A 183 -5.04 11.95 -7.73
CA VAL A 183 -5.86 10.75 -7.91
C VAL A 183 -6.68 10.84 -9.20
N ARG A 184 -7.22 12.03 -9.49
CA ARG A 184 -7.97 12.23 -10.73
CA ARG A 184 -7.97 12.26 -10.73
C ARG A 184 -7.09 11.99 -11.95
N GLN A 185 -5.87 12.53 -11.96
N GLN A 185 -5.87 12.53 -11.97
CA GLN A 185 -4.95 12.31 -13.08
CA GLN A 185 -4.97 12.29 -13.09
C GLN A 185 -4.64 10.82 -13.24
C GLN A 185 -4.67 10.80 -13.24
N LEU A 186 -4.45 10.11 -12.13
CA LEU A 186 -4.23 8.67 -12.19
C LEU A 186 -5.43 7.96 -12.82
N ARG A 187 -6.63 8.31 -12.35
CA ARG A 187 -7.85 7.74 -12.92
C ARG A 187 -7.93 8.02 -14.42
N GLU A 188 -7.59 9.24 -14.81
CA GLU A 188 -7.62 9.59 -16.23
C GLU A 188 -6.58 8.80 -17.00
N SER A 189 -5.40 8.59 -16.42
CA SER A 189 -4.35 7.89 -17.15
C SER A 189 -4.73 6.44 -17.40
N TYR A 190 -5.36 5.79 -16.42
CA TYR A 190 -5.69 4.37 -16.50
C TYR A 190 -7.13 4.14 -16.07
N PRO A 191 -8.08 4.54 -16.90
CA PRO A 191 -9.49 4.52 -16.49
C PRO A 191 -10.04 3.13 -16.23
N ASP A 192 -9.77 2.18 -17.13
CA ASP A 192 -10.27 0.82 -16.94
C ASP A 192 -9.63 0.14 -15.74
N LEU A 193 -8.51 0.67 -15.25
CA LEU A 193 -7.86 0.07 -14.10
C LEU A 193 -8.31 0.73 -12.80
N ILE A 194 -8.36 2.07 -12.78
CA ILE A 194 -8.55 2.79 -11.52
C ILE A 194 -10.02 2.92 -11.14
N GLU A 195 -10.93 3.06 -12.10
CA GLU A 195 -12.35 3.17 -11.76
C GLU A 195 -12.88 1.92 -11.07
N PRO A 196 -12.55 0.68 -11.49
CA PRO A 196 -12.92 -0.46 -10.65
C PRO A 196 -12.27 -0.44 -9.27
N LEU A 197 -11.08 0.16 -9.12
CA LEU A 197 -10.49 0.28 -7.78
C LEU A 197 -11.36 1.15 -6.88
N MET A 198 -11.96 2.20 -7.45
CA MET A 198 -12.95 2.99 -6.72
C MET A 198 -14.18 2.19 -6.34
N THR A 199 -14.63 1.32 -7.24
CA THR A 199 -15.77 0.47 -6.93
C THR A 199 -15.47 -0.43 -5.73
N SER A 200 -14.27 -1.01 -5.69
CA SER A 200 -13.85 -1.82 -4.56
C SER A 200 -13.88 -1.04 -3.25
N ILE A 201 -13.36 0.18 -3.24
CA ILE A 201 -13.41 0.97 -2.02
C ILE A 201 -14.87 1.14 -1.60
N GLY A 202 -15.75 1.44 -2.56
CA GLY A 202 -17.17 1.53 -2.27
C GLY A 202 -17.72 0.26 -1.67
N LYS A 203 -17.39 -0.88 -2.28
CA LYS A 203 -17.82 -2.18 -1.73
C LYS A 203 -17.34 -2.35 -0.29
N ILE A 204 -16.13 -1.87 0.02
CA ILE A 204 -15.65 -2.00 1.39
C ILE A 204 -16.59 -1.29 2.34
N SER A 205 -17.00 -0.06 1.99
CA SER A 205 -17.87 0.71 2.88
C SER A 205 -19.20 -0.01 3.10
N ARG A 206 -19.72 -0.65 2.06
CA ARG A 206 -21.05 -1.27 2.17
C ARG A 206 -20.98 -2.56 2.97
N ILE A 207 -19.89 -3.31 2.85
CA ILE A 207 -19.64 -4.40 3.79
C ILE A 207 -19.46 -3.83 5.20
N GLY A 208 -18.68 -2.73 5.32
CA GLY A 208 -18.37 -2.22 6.65
C GLY A 208 -19.61 -1.78 7.43
N GLU A 209 -20.66 -1.37 6.72
CA GLU A 209 -21.89 -0.89 7.35
C GLU A 209 -22.50 -1.95 8.28
N GLN A 210 -22.76 -3.13 7.73
CA GLN A 210 -23.24 -4.26 8.53
C GLN A 210 -22.30 -4.57 9.68
N LEU A 211 -20.99 -4.52 9.44
CA LEU A 211 -20.03 -4.79 10.51
C LEU A 211 -20.08 -3.70 11.59
N VAL A 212 -20.28 -2.44 11.19
CA VAL A 212 -20.47 -1.40 12.20
C VAL A 212 -21.75 -1.65 13.01
N LEU A 213 -22.83 -2.03 12.33
CA LEU A 213 -24.10 -2.25 13.03
C LEU A 213 -24.02 -3.43 13.98
N SER A 214 -23.28 -4.48 13.62
CA SER A 214 -23.16 -5.65 14.47
C SER A 214 -22.05 -5.52 15.52
N GLY A 215 -21.23 -4.48 15.44
CA GLY A 215 -20.16 -4.25 16.40
C GLY A 215 -18.94 -5.14 16.27
N ASP A 216 -18.69 -5.69 15.08
CA ASP A 216 -17.56 -6.58 14.83
C ASP A 216 -16.32 -5.75 14.54
N TYR A 217 -15.68 -5.27 15.62
CA TYR A 217 -14.54 -4.36 15.44
C TYR A 217 -13.31 -5.06 14.84
N ALA A 218 -13.15 -6.36 15.08
CA ALA A 218 -12.08 -7.10 14.44
C ALA A 218 -12.26 -7.11 12.93
N SER A 219 -13.47 -7.43 12.47
CA SER A 219 -13.73 -7.43 11.03
C SER A 219 -13.62 -6.04 10.43
N ILE A 220 -14.12 -5.01 11.15
CA ILE A 220 -13.96 -3.63 10.68
C ILE A 220 -12.49 -3.30 10.45
N GLY A 221 -11.64 -3.56 11.46
CA GLY A 221 -10.22 -3.31 11.31
C GLY A 221 -9.60 -4.04 10.14
N ARG A 222 -9.99 -5.31 9.94
CA ARG A 222 -9.52 -6.06 8.78
C ARG A 222 -9.87 -5.36 7.47
N LEU A 223 -11.10 -4.84 7.36
CA LEU A 223 -11.46 -4.14 6.13
C LEU A 223 -10.78 -2.79 6.05
N MET A 224 -10.52 -2.15 7.20
CA MET A 224 -9.73 -0.92 7.19
C MET A 224 -8.35 -1.17 6.58
N ASN A 225 -7.78 -2.34 6.87
CA ASN A 225 -6.45 -2.64 6.33
C ASN A 225 -6.51 -2.85 4.83
N VAL A 226 -7.58 -3.48 4.33
CA VAL A 226 -7.76 -3.61 2.89
C VAL A 226 -7.88 -2.23 2.26
N ASN A 227 -8.72 -1.39 2.87
CA ASN A 227 -8.91 -0.03 2.36
C ASN A 227 -7.59 0.72 2.30
N GLN A 228 -6.74 0.53 3.33
CA GLN A 228 -5.45 1.20 3.33
C GLN A 228 -4.65 0.81 2.09
N GLY A 229 -4.66 -0.48 1.74
CA GLY A 229 -3.97 -0.92 0.53
C GLY A 229 -4.45 -0.20 -0.71
N LEU A 230 -5.78 -0.08 -0.86
CA LEU A 230 -6.31 0.57 -2.05
C LEU A 230 -5.92 2.04 -2.07
N LEU A 231 -5.89 2.67 -0.91
CA LEU A 231 -5.45 4.05 -0.86
C LEU A 231 -3.97 4.15 -1.26
N ASP A 232 -3.15 3.21 -0.78
CA ASP A 232 -1.76 3.14 -1.21
C ASP A 232 -1.67 3.01 -2.73
N ALA A 233 -2.52 2.15 -3.30
CA ALA A 233 -2.53 1.96 -4.75
C ALA A 233 -2.93 3.22 -5.51
N LEU A 234 -3.71 4.10 -4.89
CA LEU A 234 -4.12 5.33 -5.55
C LEU A 234 -3.05 6.41 -5.46
N GLY A 235 -2.03 6.18 -4.66
CA GLY A 235 -0.88 7.05 -4.66
C GLY A 235 -0.85 8.07 -3.55
N VAL A 236 -1.62 7.88 -2.48
CA VAL A 236 -1.74 8.91 -1.46
C VAL A 236 -1.13 8.48 -0.14
N ASN A 237 -0.46 7.33 -0.11
CA ASN A 237 0.28 6.92 1.07
C ASN A 237 1.71 7.48 1.04
N ILE A 238 2.33 7.67 2.23
CA ILE A 238 3.73 8.06 2.33
C ILE A 238 4.43 7.21 3.40
N LEU A 239 5.77 7.28 3.39
CA LEU A 239 6.58 6.46 4.30
C LEU A 239 6.14 6.65 5.75
N GLU A 240 6.01 7.91 6.17
CA GLU A 240 5.63 8.18 7.55
C GLU A 240 4.28 7.57 7.91
N LEU A 241 3.31 7.62 6.99
CA LEU A 241 2.01 7.03 7.27
C LEU A 241 2.13 5.52 7.43
N SER A 242 2.81 4.85 6.49
CA SER A 242 3.06 3.41 6.61
C SER A 242 3.63 3.04 7.96
N GLN A 243 4.65 3.79 8.42
CA GLN A 243 5.32 3.41 9.66
C GLN A 243 4.37 3.48 10.85
N LEU A 244 3.59 4.56 10.93
CA LEU A 244 2.59 4.68 11.99
C LEU A 244 1.60 3.54 11.93
N ILE A 245 1.11 3.25 10.71
CA ILE A 245 0.07 2.24 10.51
C ILE A 245 0.60 0.85 10.86
N TYR A 246 1.77 0.49 10.34
CA TYR A 246 2.29 -0.83 10.67
C TYR A 246 2.63 -0.95 12.15
N SER A 247 3.13 0.13 12.74
N SER A 247 3.13 0.13 12.74
CA SER A 247 3.43 0.11 14.18
CA SER A 247 3.44 0.09 14.17
C SER A 247 2.16 -0.06 14.99
C SER A 247 2.17 -0.03 15.01
N ALA A 248 1.06 0.57 14.57
CA ALA A 248 -0.19 0.40 15.30
C ALA A 248 -0.67 -1.04 15.21
N ARG A 249 -0.61 -1.62 14.00
CA ARG A 249 -1.07 -2.98 13.82
C ARG A 249 -0.28 -3.95 14.70
N ALA A 250 1.05 -3.81 14.70
CA ALA A 250 1.87 -4.73 15.48
C ALA A 250 1.59 -4.61 16.97
N ALA A 251 1.12 -3.45 17.42
CA ALA A 251 0.80 -3.28 18.84
C ALA A 251 -0.59 -3.76 19.20
N GLY A 252 -1.34 -4.35 18.28
CA GLY A 252 -2.64 -4.90 18.62
C GLY A 252 -3.86 -4.13 18.16
N ALA A 253 -3.71 -3.14 17.28
CA ALA A 253 -4.90 -2.48 16.77
C ALA A 253 -5.69 -3.43 15.89
N PHE A 254 -7.02 -3.29 15.93
CA PHE A 254 -7.87 -4.04 15.02
C PHE A 254 -7.50 -3.74 13.58
N GLY A 255 -7.21 -2.48 13.29
CA GLY A 255 -6.88 -2.06 11.94
C GLY A 255 -6.39 -0.64 11.97
N ALA A 256 -5.73 -0.24 10.89
CA ALA A 256 -5.18 1.11 10.85
C ALA A 256 -5.10 1.54 9.39
N LYS A 257 -5.33 2.83 9.16
CA LYS A 257 -5.35 3.33 7.80
C LYS A 257 -5.23 4.85 7.84
N ILE A 258 -4.89 5.39 6.68
CA ILE A 258 -5.04 6.81 6.43
C ILE A 258 -6.48 7.25 6.70
N THR A 259 -6.66 8.44 7.27
CA THR A 259 -7.96 9.11 7.23
C THR A 259 -7.84 10.44 6.50
N GLY A 260 -8.74 10.66 5.53
CA GLY A 260 -8.75 11.87 4.74
C GLY A 260 -7.91 11.80 3.48
N ALA A 261 -7.28 12.92 3.11
CA ALA A 261 -6.72 13.04 1.76
C ALA A 261 -5.43 12.23 1.61
N GLY A 262 -4.70 12.00 2.69
CA GLY A 262 -3.44 11.26 2.61
C GLY A 262 -2.28 12.19 2.31
N GLY A 263 -1.22 11.67 1.71
CA GLY A 263 -0.08 12.49 1.35
C GLY A 263 0.65 13.11 2.52
N GLY A 264 0.38 12.62 3.73
CA GLY A 264 0.76 13.29 4.95
C GLY A 264 -0.40 13.21 5.93
N GLY A 265 -0.50 14.16 6.85
CA GLY A 265 -1.62 14.14 7.77
C GLY A 265 -1.57 12.95 8.72
N CYS A 266 -2.74 12.43 9.02
CA CYS A 266 -2.93 11.47 10.10
C CYS A 266 -3.35 10.11 9.58
N MET A 267 -3.06 9.09 10.37
CA MET A 267 -3.70 7.80 10.25
C MET A 267 -4.55 7.56 11.49
N VAL A 268 -5.38 6.54 11.39
CA VAL A 268 -6.30 6.19 12.46
C VAL A 268 -6.17 4.69 12.71
N ALA A 269 -6.19 4.31 13.99
CA ALA A 269 -6.10 2.92 14.39
C ALA A 269 -7.31 2.61 15.27
N LEU A 270 -8.16 1.71 14.81
CA LEU A 270 -9.26 1.25 15.62
C LEU A 270 -8.73 0.24 16.62
N THR A 271 -8.90 0.52 17.90
CA THR A 271 -8.26 -0.26 18.96
C THR A 271 -9.25 -0.56 20.08
N ALA A 272 -9.22 -1.80 20.58
CA ALA A 272 -9.86 -2.12 21.84
C ALA A 272 -9.38 -1.14 22.91
N PRO A 273 -10.24 -0.76 23.85
CA PRO A 273 -9.80 0.17 24.90
C PRO A 273 -8.54 -0.30 25.63
N GLU A 274 -8.48 -1.57 26.03
CA GLU A 274 -7.34 -2.06 26.79
C GLU A 274 -6.02 -1.99 26.01
N LYS A 275 -6.06 -1.79 24.69
CA LYS A 275 -4.84 -1.73 23.89
C LYS A 275 -4.52 -0.32 23.42
N CYS A 276 -5.24 0.70 23.89
CA CYS A 276 -5.02 2.05 23.37
C CYS A 276 -3.64 2.58 23.73
N ASN A 277 -3.20 2.38 24.96
CA ASN A 277 -1.92 2.94 25.36
C ASN A 277 -0.77 2.25 24.64
N GLN A 278 -0.82 0.93 24.60
CA GLN A 278 0.21 0.17 23.91
C GLN A 278 0.29 0.57 22.45
N VAL A 279 -0.86 0.72 21.80
CA VAL A 279 -0.91 1.17 20.41
C VAL A 279 -0.38 2.60 20.31
N ALA A 280 -0.83 3.49 21.19
CA ALA A 280 -0.34 4.87 21.18
C ALA A 280 1.17 4.94 21.38
N GLU A 281 1.71 4.12 22.30
CA GLU A 281 3.14 4.14 22.54
C GLU A 281 3.93 3.67 21.32
N ALA A 282 3.47 2.60 20.66
CA ALA A 282 4.14 2.13 19.46
C ALA A 282 4.12 3.19 18.36
N VAL A 283 3.00 3.91 18.26
CA VAL A 283 2.88 4.93 17.23
C VAL A 283 3.80 6.11 17.52
N ALA A 284 3.83 6.56 18.78
CA ALA A 284 4.79 7.60 19.15
C ALA A 284 6.22 7.13 18.95
N GLY A 285 6.50 5.88 19.35
CA GLY A 285 7.83 5.32 19.17
C GLY A 285 8.26 5.32 17.72
N ALA A 286 7.32 5.09 16.80
CA ALA A 286 7.65 5.13 15.38
C ALA A 286 7.65 6.55 14.80
N GLY A 287 7.50 7.58 15.62
CA GLY A 287 7.64 8.94 15.16
C GLY A 287 6.35 9.72 14.96
N GLY A 288 5.26 9.32 15.59
CA GLY A 288 3.97 9.96 15.38
C GLY A 288 3.59 10.80 16.58
N LYS A 289 3.03 11.99 16.31
CA LYS A 289 2.37 12.77 17.34
C LYS A 289 0.99 12.15 17.56
N VAL A 290 0.79 11.54 18.70
CA VAL A 290 -0.34 10.65 18.93
C VAL A 290 -1.43 11.37 19.72
N THR A 291 -2.69 11.08 19.38
CA THR A 291 -3.84 11.47 20.19
C THR A 291 -4.72 10.25 20.42
N ILE A 292 -5.09 10.01 21.67
CA ILE A 292 -5.99 8.92 22.02
C ILE A 292 -7.39 9.50 22.15
N THR A 293 -8.34 8.94 21.40
CA THR A 293 -9.70 9.48 21.48
C THR A 293 -10.69 8.34 21.26
N LYS A 294 -11.94 8.70 21.03
CA LYS A 294 -13.06 7.78 20.89
C LYS A 294 -14.08 8.41 19.96
N PRO A 295 -14.94 7.60 19.34
CA PRO A 295 -16.10 8.17 18.62
C PRO A 295 -16.98 8.95 19.57
N THR A 296 -17.80 9.83 19.01
CA THR A 296 -18.77 10.55 19.82
C THR A 296 -20.10 10.63 19.08
N GLU A 297 -21.19 10.49 19.84
CA GLU A 297 -22.52 10.73 19.30
C GLU A 297 -22.88 12.21 19.28
N GLN A 298 -22.11 13.03 20.00
CA GLN A 298 -22.40 14.43 20.22
C GLN A 298 -21.82 15.27 19.09
N GLY A 299 -22.67 15.96 18.35
CA GLY A 299 -22.19 16.90 17.37
C GLY A 299 -22.04 18.28 17.98
N LEU A 300 -22.58 19.30 17.32
CA LEU A 300 -22.54 20.66 17.86
C LEU A 300 -23.15 20.69 19.26
N LYS A 301 -22.41 21.24 20.21
CA LYS A 301 -22.84 21.31 21.59
C LYS A 301 -22.69 22.73 22.12
N VAL A 302 -23.70 23.20 22.84
CA VAL A 302 -23.60 24.43 23.61
C VAL A 302 -23.02 24.08 24.97
N ASP A 303 -21.74 24.42 25.19
CA ASP A 303 -21.06 24.13 26.45
C ASP A 303 -21.52 25.07 27.55
N MET B 3 36.27 -29.54 -18.18
CA MET B 3 35.69 -28.41 -17.45
C MET B 3 34.63 -27.72 -18.29
N VAL B 4 33.38 -28.06 -18.03
CA VAL B 4 32.22 -27.37 -18.61
C VAL B 4 31.69 -26.38 -17.58
N SER B 5 31.15 -25.26 -18.04
CA SER B 5 30.53 -24.27 -17.17
C SER B 5 29.24 -23.79 -17.80
N CYS B 6 28.18 -23.71 -17.01
CA CYS B 6 26.88 -23.20 -17.47
C CYS B 6 26.27 -22.34 -16.38
N SER B 7 25.41 -21.41 -16.79
CA SER B 7 24.74 -20.52 -15.85
C SER B 7 23.32 -20.26 -16.32
N ALA B 8 22.43 -20.00 -15.36
CA ALA B 8 21.04 -19.64 -15.58
C ALA B 8 20.62 -18.57 -14.56
N PRO B 9 19.74 -17.63 -14.94
CA PRO B 9 19.50 -16.46 -14.08
C PRO B 9 18.28 -16.60 -13.18
N GLY B 10 18.21 -15.76 -12.15
CA GLY B 10 16.98 -15.58 -11.43
C GLY B 10 16.03 -14.62 -12.14
N LYS B 11 14.97 -14.25 -11.43
CA LYS B 11 13.94 -13.41 -12.04
C LYS B 11 13.28 -12.54 -10.97
N ILE B 12 12.67 -11.44 -11.41
CA ILE B 12 11.74 -10.70 -10.58
C ILE B 12 10.38 -10.66 -11.30
N TYR B 13 9.34 -10.29 -10.55
CA TYR B 13 8.03 -10.03 -11.14
C TYR B 13 7.86 -8.54 -11.37
N LEU B 14 7.62 -8.12 -12.61
CA LEU B 14 7.22 -6.74 -12.82
C LEU B 14 5.80 -6.52 -12.33
N PHE B 15 4.89 -7.43 -12.69
CA PHE B 15 3.49 -7.40 -12.26
C PHE B 15 2.97 -8.82 -12.09
N GLY B 16 1.93 -8.96 -11.26
CA GLY B 16 0.98 -10.05 -11.38
C GLY B 16 1.14 -11.23 -10.45
N GLU B 17 2.10 -11.18 -9.50
CA GLU B 17 2.19 -12.26 -8.54
C GLU B 17 0.93 -12.33 -7.71
N HIS B 18 0.69 -13.52 -7.15
CA HIS B 18 -0.46 -13.87 -6.33
C HIS B 18 -1.74 -14.05 -7.15
N ALA B 19 -1.86 -13.33 -8.27
CA ALA B 19 -3.06 -13.39 -9.08
C ALA B 19 -2.96 -14.40 -10.22
N VAL B 20 -1.77 -14.90 -10.53
CA VAL B 20 -1.65 -15.92 -11.58
C VAL B 20 -2.46 -17.17 -11.20
N VAL B 21 -2.41 -17.57 -9.92
CA VAL B 21 -3.10 -18.79 -9.51
C VAL B 21 -4.61 -18.64 -9.61
N TYR B 22 -5.13 -17.42 -9.70
CA TYR B 22 -6.54 -17.20 -9.99
C TYR B 22 -6.76 -16.85 -11.45
N GLY B 23 -5.89 -17.31 -12.32
CA GLY B 23 -6.11 -17.22 -13.74
C GLY B 23 -5.75 -15.90 -14.37
N GLU B 24 -5.07 -15.00 -13.65
CA GLU B 24 -4.72 -13.71 -14.21
C GLU B 24 -3.32 -13.73 -14.81
N THR B 25 -2.97 -12.65 -15.50
CA THR B 25 -1.68 -12.58 -16.20
C THR B 25 -0.64 -11.93 -15.31
N ALA B 26 0.61 -12.40 -15.46
CA ALA B 26 1.75 -11.79 -14.81
C ALA B 26 2.82 -11.52 -15.86
N ILE B 27 3.79 -10.69 -15.48
CA ILE B 27 4.98 -10.45 -16.28
C ILE B 27 6.19 -10.65 -15.39
N ALA B 28 7.08 -11.55 -15.80
CA ALA B 28 8.33 -11.80 -15.10
C ALA B 28 9.49 -11.26 -15.91
N CYS B 29 10.59 -10.98 -15.22
CA CYS B 29 11.78 -10.43 -15.87
C CYS B 29 13.03 -11.15 -15.35
N ALA B 30 13.67 -11.91 -16.22
CA ALA B 30 14.94 -12.51 -15.85
C ALA B 30 15.97 -11.42 -15.55
N VAL B 31 16.74 -11.62 -14.47
CA VAL B 31 17.72 -10.61 -14.09
C VAL B 31 19.12 -11.23 -14.14
N GLU B 32 20.11 -10.37 -14.27
CA GLU B 32 21.48 -10.82 -14.46
C GLU B 32 22.07 -11.28 -13.11
N LEU B 33 21.34 -12.15 -12.43
CA LEU B 33 21.81 -12.85 -11.23
C LEU B 33 21.69 -14.33 -11.52
N ARG B 34 22.81 -15.03 -11.50
CA ARG B 34 22.84 -16.35 -12.10
C ARG B 34 23.41 -17.38 -11.12
N THR B 35 23.14 -18.64 -11.44
CA THR B 35 23.75 -19.78 -10.76
C THR B 35 24.68 -20.47 -11.76
N ARG B 36 25.97 -20.45 -11.48
CA ARG B 36 26.98 -21.08 -12.33
C ARG B 36 27.40 -22.40 -11.72
N VAL B 37 27.27 -23.47 -12.51
CA VAL B 37 27.72 -24.79 -12.10
C VAL B 37 28.81 -25.25 -13.08
N ARG B 38 29.96 -25.63 -12.54
CA ARG B 38 31.01 -26.25 -13.33
C ARG B 38 30.86 -27.77 -13.26
N ALA B 39 30.90 -28.43 -14.42
CA ALA B 39 30.72 -29.87 -14.52
C ALA B 39 31.95 -30.50 -15.16
N GLU B 40 32.57 -31.45 -14.45
CA GLU B 40 33.75 -32.14 -14.95
C GLU B 40 33.73 -33.58 -14.46
N LEU B 41 34.60 -34.40 -15.05
CA LEU B 41 34.69 -35.80 -14.68
C LEU B 41 35.63 -35.99 -13.48
N ASN B 42 35.26 -36.90 -12.60
CA ASN B 42 36.06 -37.23 -11.42
C ASN B 42 35.91 -38.72 -11.13
N ASP B 43 36.29 -39.13 -9.92
CA ASP B 43 36.14 -40.52 -9.51
C ASP B 43 34.69 -40.83 -9.17
N SER B 44 34.19 -40.26 -8.07
CA SER B 44 32.83 -40.46 -7.61
C SER B 44 31.97 -39.23 -7.93
N ILE B 45 30.64 -39.45 -7.93
CA ILE B 45 29.68 -38.36 -8.05
C ILE B 45 29.86 -37.45 -6.84
N THR B 46 30.34 -36.23 -7.07
CA THR B 46 30.57 -35.28 -6.00
C THR B 46 29.95 -33.94 -6.40
N ILE B 47 29.37 -33.26 -5.41
CA ILE B 47 28.71 -31.98 -5.59
C ILE B 47 29.20 -31.07 -4.48
N GLN B 48 29.77 -29.93 -4.85
CA GLN B 48 30.24 -28.94 -3.87
C GLN B 48 29.45 -27.66 -4.04
N SER B 49 29.01 -27.09 -2.92
CA SER B 49 28.33 -25.81 -2.90
C SER B 49 28.85 -25.03 -1.71
N GLN B 50 28.25 -23.87 -1.47
CA GLN B 50 28.50 -23.16 -0.23
C GLN B 50 28.15 -24.02 0.97
N ILE B 51 27.11 -24.85 0.85
CA ILE B 51 26.72 -25.70 1.97
C ILE B 51 27.76 -26.74 2.26
N GLY B 52 28.57 -27.11 1.26
CA GLY B 52 29.69 -28.00 1.46
C GLY B 52 29.80 -29.02 0.36
N ARG B 53 30.56 -30.07 0.64
CA ARG B 53 30.86 -31.12 -0.32
C ARG B 53 30.18 -32.40 0.14
N THR B 54 29.41 -33.01 -0.77
CA THR B 54 28.76 -34.29 -0.55
C THR B 54 28.84 -35.09 -1.84
N GLY B 55 28.26 -36.28 -1.82
CA GLY B 55 27.99 -37.04 -3.02
C GLY B 55 26.55 -36.88 -3.46
N LEU B 56 26.02 -37.91 -4.11
CA LEU B 56 24.58 -37.96 -4.39
C LEU B 56 23.86 -37.86 -3.08
N ASP B 57 23.25 -36.72 -2.81
CA ASP B 57 22.60 -36.48 -1.52
C ASP B 57 21.34 -35.66 -1.79
N PHE B 58 20.19 -36.32 -1.72
CA PHE B 58 18.90 -35.71 -1.99
C PHE B 58 18.38 -34.91 -0.79
N GLU B 59 19.11 -34.89 0.31
CA GLU B 59 18.77 -34.00 1.41
C GLU B 59 19.49 -32.66 1.25
N LYS B 60 20.82 -32.71 1.13
CA LYS B 60 21.65 -31.51 1.14
C LYS B 60 21.72 -30.86 -0.22
N HIS B 61 21.76 -31.65 -1.29
CA HIS B 61 21.79 -31.14 -2.67
C HIS B 61 20.59 -31.65 -3.45
N PRO B 62 19.36 -31.36 -2.99
CA PRO B 62 18.20 -32.03 -3.59
C PRO B 62 18.07 -31.81 -5.08
N TYR B 63 18.27 -30.57 -5.56
CA TYR B 63 18.03 -30.30 -6.97
C TYR B 63 19.14 -30.88 -7.86
N VAL B 64 20.40 -30.62 -7.52
CA VAL B 64 21.52 -31.16 -8.29
C VAL B 64 21.45 -32.68 -8.33
N SER B 65 21.20 -33.31 -7.17
CA SER B 65 21.11 -34.76 -7.10
C SER B 65 19.90 -35.28 -7.88
N ALA B 66 18.73 -34.67 -7.69
CA ALA B 66 17.58 -35.10 -8.50
C ALA B 66 17.85 -34.88 -9.99
N VAL B 67 18.65 -33.86 -10.34
CA VAL B 67 18.99 -33.67 -11.74
C VAL B 67 19.87 -34.81 -12.24
N ILE B 68 20.86 -35.22 -11.45
CA ILE B 68 21.70 -36.35 -11.82
C ILE B 68 20.87 -37.63 -11.92
N GLU B 69 19.98 -37.85 -10.94
CA GLU B 69 19.20 -39.09 -10.91
C GLU B 69 18.38 -39.27 -12.19
N LYS B 70 17.64 -38.24 -12.60
CA LYS B 70 16.79 -38.36 -13.78
C LYS B 70 17.62 -38.56 -15.05
N MET B 71 18.76 -37.88 -15.15
CA MET B 71 19.48 -37.76 -16.41
C MET B 71 20.32 -38.99 -16.74
N ARG B 72 20.97 -39.59 -15.73
CA ARG B 72 21.77 -40.78 -15.99
CA ARG B 72 21.77 -40.79 -15.96
C ARG B 72 20.93 -41.96 -16.48
N LYS B 73 19.60 -41.90 -16.34
CA LYS B 73 18.74 -42.98 -16.83
C LYS B 73 18.82 -43.08 -18.35
N SER B 74 19.14 -42.00 -19.04
CA SER B 74 19.24 -41.99 -20.50
C SER B 74 20.67 -41.78 -21.02
N ILE B 75 21.64 -41.56 -20.14
CA ILE B 75 23.05 -41.48 -20.51
C ILE B 75 23.86 -41.62 -19.22
N PRO B 76 24.47 -42.77 -18.97
CA PRO B 76 25.05 -43.05 -17.66
C PRO B 76 26.16 -42.08 -17.27
N ILE B 77 26.01 -41.49 -16.09
CA ILE B 77 27.08 -40.74 -15.45
C ILE B 77 27.46 -41.49 -14.18
N ASN B 78 28.75 -41.80 -14.06
CA ASN B 78 29.29 -42.45 -12.87
C ASN B 78 30.14 -41.52 -12.03
N GLY B 79 30.80 -40.55 -12.65
CA GLY B 79 31.51 -39.52 -11.92
C GLY B 79 31.26 -38.15 -12.49
N VAL B 80 30.92 -37.20 -11.61
CA VAL B 80 30.88 -35.78 -11.94
C VAL B 80 31.50 -35.02 -10.79
N PHE B 81 32.10 -33.92 -11.14
CA PHE B 81 32.49 -32.94 -10.15
C PHE B 81 31.68 -31.68 -10.40
N LEU B 82 30.53 -31.58 -9.74
CA LEU B 82 29.63 -30.44 -9.91
C LEU B 82 29.93 -29.41 -8.82
N THR B 83 30.36 -28.22 -9.24
CA THR B 83 30.58 -27.10 -8.34
C THR B 83 29.49 -26.06 -8.55
N VAL B 84 28.98 -25.48 -7.46
CA VAL B 84 27.82 -24.60 -7.52
C VAL B 84 28.11 -23.29 -6.79
N ASP B 85 28.04 -22.18 -7.53
CA ASP B 85 28.04 -20.85 -6.96
C ASP B 85 26.81 -20.12 -7.50
N SER B 86 26.32 -19.15 -6.71
CA SER B 86 25.13 -18.42 -7.12
C SER B 86 25.25 -16.99 -6.66
N ASP B 87 24.78 -16.07 -7.49
CA ASP B 87 24.55 -14.70 -7.06
C ASP B 87 23.12 -14.46 -6.61
N ILE B 88 22.28 -15.49 -6.68
CA ILE B 88 20.84 -15.34 -6.47
C ILE B 88 20.54 -15.45 -4.98
N PRO B 89 20.00 -14.41 -4.33
CA PRO B 89 19.52 -14.57 -2.96
C PRO B 89 18.35 -15.54 -2.90
N VAL B 90 18.14 -16.10 -1.73
CA VAL B 90 17.15 -17.14 -1.53
C VAL B 90 15.79 -16.52 -1.28
N GLY B 91 14.74 -17.21 -1.74
CA GLY B 91 13.38 -16.80 -1.46
C GLY B 91 12.87 -15.73 -2.40
N SER B 92 11.76 -15.14 -1.99
CA SER B 92 11.11 -14.03 -2.69
C SER B 92 10.84 -14.34 -4.17
N GLY B 93 10.62 -15.61 -4.48
CA GLY B 93 10.45 -16.03 -5.87
C GLY B 93 11.58 -15.61 -6.79
N LEU B 94 12.76 -15.28 -6.24
CA LEU B 94 13.88 -14.84 -7.08
C LEU B 94 14.41 -15.96 -7.97
N GLY B 95 14.08 -17.21 -7.68
CA GLY B 95 14.32 -18.31 -8.60
C GLY B 95 15.59 -19.09 -8.36
N SER B 96 16.09 -19.16 -7.12
CA SER B 96 17.38 -19.80 -6.90
C SER B 96 17.31 -21.30 -7.14
N SER B 97 16.17 -21.93 -6.85
N SER B 97 16.17 -21.93 -6.85
CA SER B 97 16.04 -23.36 -7.10
CA SER B 97 16.05 -23.36 -7.10
C SER B 97 15.91 -23.64 -8.59
C SER B 97 15.90 -23.65 -8.60
N ALA B 98 15.08 -22.86 -9.29
CA ALA B 98 14.94 -23.05 -10.73
C ALA B 98 16.28 -22.88 -11.44
N ALA B 99 17.07 -21.90 -11.00
CA ALA B 99 18.33 -21.59 -11.67
C ALA B 99 19.35 -22.71 -11.44
N VAL B 100 19.53 -23.12 -10.18
CA VAL B 100 20.44 -24.22 -9.87
C VAL B 100 20.03 -25.46 -10.65
N THR B 101 18.73 -25.63 -10.91
CA THR B 101 18.26 -26.78 -11.68
C THR B 101 18.66 -26.67 -13.15
N ILE B 102 18.34 -25.53 -13.77
CA ILE B 102 18.58 -25.37 -15.20
C ILE B 102 20.07 -25.43 -15.48
N ALA B 103 20.88 -24.77 -14.64
CA ALA B 103 22.31 -24.74 -14.85
C ALA B 103 22.90 -26.15 -14.78
N SER B 104 22.38 -26.99 -13.88
CA SER B 104 22.90 -28.35 -13.76
C SER B 104 22.57 -29.19 -14.99
N ILE B 105 21.29 -29.27 -15.35
CA ILE B 105 20.83 -29.93 -16.57
C ILE B 105 21.73 -29.56 -17.75
N GLY B 106 21.90 -28.26 -17.99
CA GLY B 106 22.69 -27.81 -19.13
C GLY B 106 24.17 -28.07 -18.98
N ALA B 107 24.69 -28.12 -17.75
CA ALA B 107 26.10 -28.42 -17.54
C ALA B 107 26.39 -29.91 -17.75
N LEU B 108 25.47 -30.79 -17.31
CA LEU B 108 25.63 -32.21 -17.54
C LEU B 108 25.37 -32.58 -19.00
N ASN B 109 24.52 -31.81 -19.64
CA ASN B 109 24.23 -32.04 -21.02
C ASN B 109 25.38 -31.62 -21.91
N GLU B 110 26.19 -30.69 -21.41
CA GLU B 110 27.36 -30.19 -22.10
C GLU B 110 28.59 -31.07 -21.86
N LEU B 111 28.81 -31.48 -20.61
CA LEU B 111 29.93 -32.38 -20.32
C LEU B 111 29.71 -33.75 -20.95
N PHE B 112 28.51 -34.31 -20.79
CA PHE B 112 28.20 -35.63 -21.32
C PHE B 112 27.47 -35.49 -22.65
N GLY B 113 26.56 -36.41 -22.96
CA GLY B 113 25.93 -36.37 -24.27
C GLY B 113 24.60 -35.64 -24.30
N PHE B 114 23.51 -36.42 -24.40
CA PHE B 114 22.13 -35.99 -24.23
C PHE B 114 21.55 -35.21 -25.41
N GLY B 115 22.13 -34.05 -25.74
CA GLY B 115 21.65 -33.24 -26.85
C GLY B 115 20.25 -32.69 -26.68
N LEU B 116 20.00 -31.94 -25.60
CA LEU B 116 18.67 -31.42 -25.34
C LEU B 116 18.40 -30.16 -26.15
N SER B 117 17.11 -29.88 -26.36
CA SER B 117 16.64 -28.61 -26.90
C SER B 117 16.31 -27.66 -25.75
N LEU B 118 16.10 -26.38 -26.09
CA LEU B 118 15.88 -25.39 -25.04
C LEU B 118 14.56 -25.64 -24.31
N GLN B 119 13.54 -26.00 -25.07
CA GLN B 119 12.26 -26.37 -24.50
C GLN B 119 12.41 -27.70 -23.73
N GLU B 120 13.19 -28.62 -24.27
CA GLU B 120 13.58 -29.84 -23.58
C GLU B 120 14.21 -29.51 -22.23
N ILE B 121 15.09 -28.50 -22.21
CA ILE B 121 15.71 -28.07 -20.95
C ILE B 121 14.64 -27.55 -19.98
N ALA B 122 13.67 -26.79 -20.51
CA ALA B 122 12.64 -26.22 -19.64
C ALA B 122 11.76 -27.31 -19.03
N LYS B 123 11.38 -28.30 -19.84
CA LYS B 123 10.47 -29.35 -19.36
C LYS B 123 11.12 -30.20 -18.26
N LEU B 124 12.38 -30.63 -18.47
CA LEU B 124 13.07 -31.44 -17.47
C LEU B 124 13.27 -30.65 -16.17
N GLY B 125 13.67 -29.39 -16.29
CA GLY B 125 13.80 -28.56 -15.10
C GLY B 125 12.50 -28.45 -14.33
N HIS B 126 11.38 -28.25 -15.03
CA HIS B 126 10.10 -28.13 -14.37
C HIS B 126 9.73 -29.41 -13.64
N GLU B 127 9.91 -30.54 -14.29
CA GLU B 127 9.56 -31.79 -13.63
C GLU B 127 10.55 -32.13 -12.51
N ILE B 128 11.81 -31.70 -12.62
CA ILE B 128 12.73 -31.86 -11.49
C ILE B 128 12.22 -31.09 -10.28
N GLU B 129 11.74 -29.86 -10.49
CA GLU B 129 11.12 -29.13 -9.39
C GLU B 129 9.92 -29.90 -8.84
N ILE B 130 9.09 -30.45 -9.73
CA ILE B 130 7.97 -31.28 -9.32
C ILE B 130 8.45 -32.39 -8.39
N LYS B 131 9.51 -33.09 -8.79
CA LYS B 131 10.07 -34.19 -8.01
C LYS B 131 10.51 -33.70 -6.63
N VAL B 132 11.17 -32.55 -6.56
CA VAL B 132 11.80 -32.15 -5.31
C VAL B 132 10.82 -31.43 -4.39
N GLN B 133 10.00 -30.53 -4.92
CA GLN B 133 9.10 -29.79 -4.06
C GLN B 133 7.76 -30.47 -3.85
N GLY B 134 7.50 -31.56 -4.57
CA GLY B 134 6.23 -32.24 -4.50
C GLY B 134 5.34 -31.78 -5.64
N ALA B 135 5.02 -30.50 -5.64
CA ALA B 135 4.39 -29.82 -6.76
C ALA B 135 5.21 -28.57 -7.09
N ALA B 136 4.94 -28.00 -8.26
CA ALA B 136 5.71 -26.87 -8.75
C ALA B 136 5.13 -26.35 -10.06
N SER B 137 5.16 -25.03 -10.25
CA SER B 137 4.77 -24.34 -11.47
C SER B 137 5.92 -24.32 -12.47
N PRO B 138 5.61 -24.46 -13.77
CA PRO B 138 6.68 -24.42 -14.78
C PRO B 138 7.25 -23.03 -15.00
N THR B 139 6.68 -22.00 -14.37
CA THR B 139 7.08 -20.62 -14.62
C THR B 139 8.56 -20.41 -14.35
N ASP B 140 9.00 -20.69 -13.12
CA ASP B 140 10.38 -20.39 -12.73
C ASP B 140 11.38 -21.07 -13.66
N THR B 141 11.10 -22.32 -14.04
CA THR B 141 12.03 -23.06 -14.88
C THR B 141 12.02 -22.54 -16.31
N TYR B 142 10.88 -22.07 -16.80
CA TYR B 142 10.84 -21.53 -18.15
C TYR B 142 11.57 -20.19 -18.22
N VAL B 143 11.28 -19.29 -17.27
CA VAL B 143 11.93 -17.99 -17.27
C VAL B 143 13.44 -18.16 -17.09
N SER B 144 13.86 -19.12 -16.27
CA SER B 144 15.29 -19.30 -16.12
C SER B 144 15.94 -19.82 -17.41
N THR B 145 15.21 -20.59 -18.23
CA THR B 145 15.82 -21.17 -19.43
C THR B 145 15.87 -20.19 -20.59
N PHE B 146 14.73 -19.55 -20.89
CA PHE B 146 14.59 -18.65 -22.04
C PHE B 146 14.99 -17.22 -21.71
N GLY B 147 14.62 -16.72 -20.53
CA GLY B 147 15.12 -15.43 -20.08
C GLY B 147 14.34 -14.27 -20.66
N GLY B 148 14.95 -13.08 -20.55
CA GLY B 148 14.29 -11.87 -21.01
C GLY B 148 13.07 -11.52 -20.17
N VAL B 149 12.06 -10.97 -20.84
CA VAL B 149 10.78 -10.62 -20.23
C VAL B 149 9.74 -11.60 -20.77
N VAL B 150 8.98 -12.22 -19.87
CA VAL B 150 8.07 -13.32 -20.22
C VAL B 150 6.72 -13.06 -19.58
N THR B 151 5.66 -13.18 -20.37
CA THR B 151 4.31 -13.07 -19.85
C THR B 151 3.84 -14.43 -19.36
N ILE B 152 3.02 -14.42 -18.32
CA ILE B 152 2.54 -15.66 -17.74
C ILE B 152 1.02 -15.60 -17.71
N PRO B 153 0.31 -16.66 -18.13
CA PRO B 153 0.87 -17.92 -18.63
C PRO B 153 1.16 -17.96 -20.14
N GLU B 154 0.73 -16.94 -20.91
CA GLU B 154 0.78 -17.02 -22.37
C GLU B 154 2.20 -17.20 -22.89
N ARG B 155 3.22 -16.91 -22.09
CA ARG B 155 4.62 -17.15 -22.39
C ARG B 155 5.10 -16.36 -23.60
N ARG B 156 4.44 -15.24 -23.92
CA ARG B 156 4.96 -14.34 -24.94
C ARG B 156 6.21 -13.64 -24.43
N LYS B 157 7.18 -13.47 -25.32
CA LYS B 157 8.37 -12.71 -25.00
C LYS B 157 8.14 -11.24 -25.29
N LEU B 158 8.78 -10.39 -24.51
CA LEU B 158 8.70 -8.94 -24.70
C LEU B 158 10.11 -8.38 -24.66
N LYS B 159 10.23 -7.13 -25.08
CA LYS B 159 11.53 -6.50 -25.20
C LYS B 159 12.08 -6.15 -23.81
N THR B 160 13.32 -6.54 -23.57
CA THR B 160 13.98 -6.28 -22.31
C THR B 160 14.11 -4.77 -22.07
N PRO B 161 13.53 -4.23 -21.00
CA PRO B 161 13.75 -2.81 -20.71
C PRO B 161 15.20 -2.53 -20.36
N ASP B 162 15.67 -1.36 -20.77
CA ASP B 162 17.02 -0.90 -20.44
C ASP B 162 16.98 -0.11 -19.14
N CYS B 163 16.98 -0.86 -18.03
CA CYS B 163 16.75 -0.28 -16.71
C CYS B 163 17.69 -0.92 -15.71
N GLY B 164 17.97 -0.19 -14.65
CA GLY B 164 18.54 -0.79 -13.47
C GLY B 164 17.48 -1.50 -12.65
N ILE B 165 17.90 -2.52 -11.90
CA ILE B 165 17.00 -3.28 -11.05
C ILE B 165 17.67 -3.42 -9.70
N VAL B 166 17.11 -2.76 -8.69
CA VAL B 166 17.61 -2.81 -7.33
C VAL B 166 16.70 -3.77 -6.56
N ILE B 167 17.28 -4.82 -5.99
CA ILE B 167 16.55 -5.75 -5.15
C ILE B 167 16.92 -5.46 -3.71
N GLY B 168 15.92 -5.20 -2.87
CA GLY B 168 16.18 -5.00 -1.47
C GLY B 168 15.62 -6.14 -0.64
N ASP B 169 16.47 -6.80 0.11
CA ASP B 169 16.06 -7.89 0.99
C ASP B 169 15.82 -7.35 2.40
N THR B 170 14.64 -7.66 2.95
CA THR B 170 14.36 -7.26 4.32
C THR B 170 14.97 -8.21 5.32
N GLY B 171 15.41 -9.39 4.88
CA GLY B 171 15.89 -10.41 5.80
C GLY B 171 14.80 -11.02 6.65
N VAL B 172 13.54 -10.70 6.40
CA VAL B 172 12.44 -11.28 7.15
C VAL B 172 12.00 -12.54 6.41
N PHE B 173 11.95 -13.66 7.15
CA PHE B 173 11.51 -14.92 6.57
C PHE B 173 9.98 -14.99 6.54
N SER B 174 9.43 -15.56 5.47
CA SER B 174 7.99 -15.75 5.41
C SER B 174 7.69 -17.06 4.69
N SER B 175 6.68 -17.78 5.18
CA SER B 175 6.25 -19.00 4.51
C SER B 175 5.33 -18.65 3.35
N THR B 176 5.80 -18.95 2.14
CA THR B 176 5.02 -18.71 0.93
C THR B 176 3.71 -19.49 0.94
N LYS B 177 3.74 -20.75 1.39
CA LYS B 177 2.51 -21.51 1.51
C LYS B 177 1.55 -20.83 2.46
N GLU B 178 2.05 -20.30 3.58
CA GLU B 178 1.16 -19.67 4.54
C GLU B 178 0.61 -18.36 4.00
N LEU B 179 1.40 -17.62 3.22
CA LEU B 179 0.91 -16.37 2.64
C LEU B 179 -0.13 -16.64 1.56
N VAL B 180 0.15 -17.59 0.66
CA VAL B 180 -0.81 -17.92 -0.37
C VAL B 180 -2.13 -18.33 0.25
N ALA B 181 -2.07 -19.09 1.36
CA ALA B 181 -3.29 -19.54 2.03
C ALA B 181 -4.06 -18.37 2.65
N ASN B 182 -3.35 -17.39 3.22
CA ASN B 182 -4.03 -16.24 3.82
C ASN B 182 -4.74 -15.40 2.77
N VAL B 183 -4.14 -15.28 1.58
CA VAL B 183 -4.84 -14.60 0.49
C VAL B 183 -6.05 -15.40 0.06
N ARG B 184 -5.89 -16.73 -0.08
CA ARG B 184 -7.03 -17.55 -0.42
C ARG B 184 -8.16 -17.40 0.59
N GLN B 185 -7.83 -17.38 1.89
CA GLN B 185 -8.86 -17.25 2.91
C GLN B 185 -9.58 -15.90 2.79
N LEU B 186 -8.81 -14.82 2.65
CA LEU B 186 -9.40 -13.50 2.48
C LEU B 186 -10.31 -13.44 1.27
N ARG B 187 -9.89 -14.06 0.16
CA ARG B 187 -10.72 -14.11 -1.04
C ARG B 187 -12.03 -14.85 -0.78
N GLU B 188 -11.98 -15.93 0.01
CA GLU B 188 -13.19 -16.68 0.34
C GLU B 188 -14.07 -15.90 1.31
N SER B 189 -13.47 -15.14 2.23
CA SER B 189 -14.27 -14.34 3.15
C SER B 189 -15.07 -13.26 2.42
N TYR B 190 -14.45 -12.58 1.46
CA TYR B 190 -15.09 -11.45 0.78
C TYR B 190 -14.93 -11.60 -0.73
N PRO B 191 -15.55 -12.63 -1.32
CA PRO B 191 -15.31 -12.89 -2.74
C PRO B 191 -15.73 -11.75 -3.65
N ASP B 192 -16.86 -11.12 -3.35
CA ASP B 192 -17.34 -10.00 -4.15
C ASP B 192 -16.38 -8.83 -4.10
N LEU B 193 -15.58 -8.72 -3.04
CA LEU B 193 -14.61 -7.64 -2.90
C LEU B 193 -13.23 -8.03 -3.42
N ILE B 194 -12.73 -9.21 -3.07
CA ILE B 194 -11.33 -9.56 -3.34
C ILE B 194 -11.14 -10.03 -4.77
N GLU B 195 -12.12 -10.74 -5.33
CA GLU B 195 -11.96 -11.23 -6.70
C GLU B 195 -11.80 -10.09 -7.71
N PRO B 196 -12.55 -8.99 -7.62
CA PRO B 196 -12.25 -7.82 -8.49
C PRO B 196 -10.85 -7.25 -8.28
N LEU B 197 -10.26 -7.38 -7.09
CA LEU B 197 -8.89 -6.94 -6.90
C LEU B 197 -7.93 -7.80 -7.70
N MET B 198 -8.18 -9.12 -7.75
CA MET B 198 -7.38 -9.99 -8.61
C MET B 198 -7.54 -9.63 -10.08
N THR B 199 -8.75 -9.24 -10.48
CA THR B 199 -8.96 -8.77 -11.85
C THR B 199 -8.13 -7.52 -12.14
N SER B 200 -8.13 -6.57 -11.21
CA SER B 200 -7.30 -5.38 -11.34
C SER B 200 -5.83 -5.72 -11.50
N ILE B 201 -5.33 -6.70 -10.73
CA ILE B 201 -3.92 -7.08 -10.89
C ILE B 201 -3.66 -7.59 -12.30
N GLY B 202 -4.60 -8.37 -12.85
CA GLY B 202 -4.43 -8.83 -14.22
C GLY B 202 -4.47 -7.69 -15.21
N LYS B 203 -5.35 -6.70 -14.97
CA LYS B 203 -5.44 -5.56 -15.88
C LYS B 203 -4.15 -4.77 -15.91
N ILE B 204 -3.49 -4.67 -14.76
CA ILE B 204 -2.16 -4.06 -14.69
C ILE B 204 -1.19 -4.81 -15.59
N SER B 205 -1.23 -6.14 -15.55
CA SER B 205 -0.32 -6.89 -16.40
C SER B 205 -0.66 -6.68 -17.87
N ARG B 206 -1.95 -6.62 -18.22
CA ARG B 206 -2.30 -6.39 -19.62
C ARG B 206 -1.78 -5.05 -20.09
N ILE B 207 -2.01 -4.00 -19.30
CA ILE B 207 -1.50 -2.68 -19.66
C ILE B 207 0.02 -2.69 -19.68
N GLY B 208 0.62 -3.27 -18.64
CA GLY B 208 2.06 -3.22 -18.52
C GLY B 208 2.77 -3.90 -19.66
N GLU B 209 2.13 -4.88 -20.28
CA GLU B 209 2.65 -5.52 -21.48
C GLU B 209 2.87 -4.49 -22.58
N GLN B 210 1.86 -3.65 -22.83
CA GLN B 210 2.00 -2.60 -23.85
C GLN B 210 3.09 -1.60 -23.49
N LEU B 211 3.27 -1.33 -22.19
CA LEU B 211 4.29 -0.36 -21.78
C LEU B 211 5.69 -0.94 -21.88
N VAL B 212 5.83 -2.25 -21.70
CA VAL B 212 7.11 -2.89 -21.97
C VAL B 212 7.43 -2.80 -23.45
N LEU B 213 6.43 -3.04 -24.30
CA LEU B 213 6.66 -3.01 -25.74
C LEU B 213 7.12 -1.62 -26.20
N SER B 214 6.55 -0.55 -25.62
CA SER B 214 6.89 0.82 -26.01
C SER B 214 8.08 1.38 -25.26
N GLY B 215 8.56 0.69 -24.23
CA GLY B 215 9.69 1.20 -23.47
C GLY B 215 9.37 2.37 -22.55
N ASP B 216 8.12 2.50 -22.12
CA ASP B 216 7.67 3.60 -21.25
C ASP B 216 7.96 3.24 -19.80
N TYR B 217 9.24 3.33 -19.45
CA TYR B 217 9.67 2.88 -18.13
C TYR B 217 8.98 3.67 -17.00
N ALA B 218 8.75 4.96 -17.20
CA ALA B 218 8.06 5.76 -16.18
C ALA B 218 6.67 5.21 -15.88
N SER B 219 5.91 4.86 -16.92
CA SER B 219 4.57 4.33 -16.70
C SER B 219 4.61 2.93 -16.12
N ILE B 220 5.60 2.12 -16.53
CA ILE B 220 5.78 0.81 -15.90
C ILE B 220 5.94 0.96 -14.40
N GLY B 221 6.81 1.89 -13.98
CA GLY B 221 7.00 2.13 -12.57
C GLY B 221 5.72 2.57 -11.89
N ARG B 222 4.95 3.45 -12.54
N ARG B 222 4.97 3.46 -12.53
CA ARG B 222 3.70 3.88 -11.94
CA ARG B 222 3.68 3.89 -11.99
C ARG B 222 2.74 2.71 -11.75
C ARG B 222 2.76 2.70 -11.75
N LEU B 223 2.66 1.80 -12.71
CA LEU B 223 1.82 0.62 -12.56
C LEU B 223 2.38 -0.34 -11.52
N MET B 224 3.71 -0.37 -11.36
CA MET B 224 4.29 -1.13 -10.27
C MET B 224 3.83 -0.58 -8.93
N ASN B 225 3.75 0.74 -8.80
CA ASN B 225 3.32 1.30 -7.53
C ASN B 225 1.85 1.01 -7.25
N VAL B 226 1.02 0.99 -8.30
CA VAL B 226 -0.38 0.58 -8.11
C VAL B 226 -0.44 -0.88 -7.71
N ASN B 227 0.33 -1.75 -8.40
CA ASN B 227 0.35 -3.17 -8.08
C ASN B 227 0.71 -3.39 -6.62
N GLN B 228 1.60 -2.55 -6.09
CA GLN B 228 2.08 -2.71 -4.71
C GLN B 228 0.98 -2.38 -3.71
N GLY B 229 0.17 -1.36 -3.99
CA GLY B 229 -0.95 -1.08 -3.12
C GLY B 229 -1.93 -2.25 -3.06
N LEU B 230 -2.18 -2.87 -4.22
CA LEU B 230 -3.06 -4.03 -4.25
C LEU B 230 -2.48 -5.20 -3.45
N LEU B 231 -1.17 -5.44 -3.56
CA LEU B 231 -0.57 -6.48 -2.72
C LEU B 231 -0.71 -6.12 -1.25
N ASP B 232 -0.51 -4.85 -0.92
CA ASP B 232 -0.73 -4.39 0.45
C ASP B 232 -2.19 -4.63 0.87
N ALA B 233 -3.14 -4.39 -0.05
CA ALA B 233 -4.55 -4.66 0.26
C ALA B 233 -4.80 -6.16 0.47
N LEU B 234 -4.08 -7.02 -0.27
CA LEU B 234 -4.25 -8.46 -0.07
C LEU B 234 -3.61 -8.96 1.21
N GLY B 235 -2.90 -8.10 1.93
CA GLY B 235 -2.34 -8.43 3.21
C GLY B 235 -0.92 -8.98 3.18
N VAL B 236 -0.18 -8.87 2.07
CA VAL B 236 1.14 -9.51 2.00
C VAL B 236 2.30 -8.52 2.13
N ASN B 237 2.04 -7.29 2.55
CA ASN B 237 3.06 -6.29 2.82
C ASN B 237 3.41 -6.25 4.31
N ILE B 238 4.62 -5.76 4.62
CA ILE B 238 5.03 -5.51 6.01
C ILE B 238 5.80 -4.19 6.07
N LEU B 239 6.09 -3.76 7.29
CA LEU B 239 6.75 -2.49 7.52
C LEU B 239 8.10 -2.41 6.81
N GLU B 240 8.89 -3.49 6.89
CA GLU B 240 10.23 -3.44 6.32
C GLU B 240 10.19 -3.36 4.80
N LEU B 241 9.27 -4.09 4.16
CA LEU B 241 9.10 -3.93 2.71
C LEU B 241 8.69 -2.51 2.36
N SER B 242 7.80 -1.91 3.16
CA SER B 242 7.33 -0.56 2.85
C SER B 242 8.43 0.45 2.96
N GLN B 243 9.25 0.34 4.01
CA GLN B 243 10.36 1.28 4.17
C GLN B 243 11.29 1.22 2.98
N LEU B 244 11.61 0.01 2.53
CA LEU B 244 12.53 -0.11 1.40
C LEU B 244 11.89 0.45 0.14
N ILE B 245 10.60 0.16 -0.05
CA ILE B 245 9.90 0.60 -1.24
C ILE B 245 9.85 2.12 -1.30
N TYR B 246 9.44 2.76 -0.21
CA TYR B 246 9.31 4.21 -0.24
C TYR B 246 10.68 4.89 -0.31
N SER B 247 11.72 4.29 0.29
N SER B 247 11.71 4.29 0.28
CA SER B 247 13.04 4.88 0.16
CA SER B 247 13.04 4.87 0.16
C SER B 247 13.51 4.85 -1.29
C SER B 247 13.51 4.85 -1.29
N ALA B 248 13.24 3.76 -2.01
CA ALA B 248 13.63 3.68 -3.41
C ALA B 248 12.90 4.70 -4.27
N ARG B 249 11.60 4.90 -4.02
CA ARG B 249 10.81 5.87 -4.78
C ARG B 249 11.28 7.28 -4.52
N ALA B 250 11.58 7.61 -3.27
CA ALA B 250 12.04 8.95 -2.98
C ALA B 250 13.43 9.18 -3.57
N ALA B 251 14.18 8.12 -3.85
CA ALA B 251 15.49 8.31 -4.47
C ALA B 251 15.42 8.29 -5.98
N GLY B 252 14.22 8.29 -6.57
CA GLY B 252 14.11 8.42 -8.00
C GLY B 252 13.78 7.15 -8.77
N ALA B 253 13.52 6.02 -8.12
CA ALA B 253 13.12 4.85 -8.89
C ALA B 253 11.87 5.15 -9.71
N PHE B 254 11.78 4.53 -10.89
CA PHE B 254 10.51 4.58 -11.63
C PHE B 254 9.36 3.98 -10.81
N GLY B 255 9.62 2.89 -10.10
CA GLY B 255 8.60 2.22 -9.31
C GLY B 255 9.29 1.23 -8.40
N ALA B 256 8.55 0.77 -7.39
CA ALA B 256 9.06 -0.19 -6.43
C ALA B 256 7.89 -1.00 -5.89
N LYS B 257 8.12 -2.28 -5.70
CA LYS B 257 7.07 -3.17 -5.24
C LYS B 257 7.69 -4.44 -4.71
N ILE B 258 6.88 -5.16 -3.94
CA ILE B 258 7.15 -6.55 -3.63
C ILE B 258 7.40 -7.34 -4.92
N THR B 259 8.35 -8.25 -4.87
CA THR B 259 8.46 -9.32 -5.86
C THR B 259 8.37 -10.66 -5.12
N GLY B 260 7.51 -11.55 -5.62
CA GLY B 260 7.36 -12.83 -4.95
C GLY B 260 6.19 -12.81 -3.99
N ALA B 261 6.24 -13.63 -2.94
CA ALA B 261 5.04 -13.83 -2.13
C ALA B 261 4.79 -12.72 -1.13
N GLY B 262 5.81 -11.93 -0.77
CA GLY B 262 5.65 -10.97 0.32
C GLY B 262 5.81 -11.60 1.70
N GLY B 263 5.23 -10.93 2.69
CA GLY B 263 5.36 -11.33 4.08
C GLY B 263 6.73 -11.14 4.68
N GLY B 264 7.62 -10.44 3.99
CA GLY B 264 9.03 -10.48 4.27
C GLY B 264 9.76 -10.57 2.93
N GLY B 265 10.98 -11.12 2.91
CA GLY B 265 11.65 -11.30 1.64
C GLY B 265 12.05 -9.98 0.99
N CYS B 266 11.91 -9.91 -0.34
CA CYS B 266 12.50 -8.85 -1.14
C CYS B 266 11.47 -7.95 -1.82
N MET B 267 11.87 -6.72 -2.04
CA MET B 267 11.21 -5.85 -3.00
C MET B 267 12.15 -5.61 -4.17
N VAL B 268 11.61 -4.98 -5.19
CA VAL B 268 12.34 -4.67 -6.41
C VAL B 268 12.02 -3.24 -6.78
N ALA B 269 13.03 -2.52 -7.26
CA ALA B 269 12.86 -1.17 -7.79
C ALA B 269 13.38 -1.14 -9.22
N LEU B 270 12.56 -0.63 -10.13
CA LEU B 270 12.95 -0.36 -11.50
C LEU B 270 13.50 1.04 -11.58
N THR B 271 14.73 1.19 -12.07
CA THR B 271 15.39 2.50 -12.11
C THR B 271 16.01 2.75 -13.49
N ALA B 272 16.11 4.03 -13.83
CA ALA B 272 16.94 4.43 -14.94
C ALA B 272 18.37 3.95 -14.66
N PRO B 273 19.11 3.52 -15.68
CA PRO B 273 20.48 3.03 -15.43
C PRO B 273 21.33 4.00 -14.62
N GLU B 274 21.22 5.30 -14.87
CA GLU B 274 22.03 6.29 -14.16
C GLU B 274 21.54 6.60 -12.74
N LYS B 275 20.35 6.15 -12.34
CA LYS B 275 19.87 6.36 -10.98
C LYS B 275 20.00 5.12 -10.12
N CYS B 276 20.73 4.10 -10.60
CA CYS B 276 20.69 2.79 -9.97
C CYS B 276 21.40 2.78 -8.62
N ASN B 277 22.60 3.38 -8.54
CA ASN B 277 23.34 3.33 -7.28
C ASN B 277 22.75 4.30 -6.26
N GLN B 278 22.22 5.43 -6.72
CA GLN B 278 21.43 6.30 -5.86
C GLN B 278 20.27 5.55 -5.19
N VAL B 279 19.48 4.82 -5.99
CA VAL B 279 18.38 4.04 -5.42
C VAL B 279 18.91 2.97 -4.47
N ALA B 280 19.98 2.27 -4.89
CA ALA B 280 20.54 1.20 -4.07
C ALA B 280 21.01 1.73 -2.72
N GLU B 281 21.67 2.89 -2.72
CA GLU B 281 22.12 3.49 -1.47
C GLU B 281 20.94 3.87 -0.56
N ALA B 282 19.88 4.42 -1.14
CA ALA B 282 18.72 4.75 -0.32
C ALA B 282 18.09 3.49 0.29
N VAL B 283 18.02 2.41 -0.48
CA VAL B 283 17.43 1.19 0.04
C VAL B 283 18.31 0.63 1.17
N ALA B 284 19.64 0.63 0.98
CA ALA B 284 20.52 0.13 2.03
C ALA B 284 20.40 0.98 3.28
N GLY B 285 20.31 2.30 3.12
CA GLY B 285 20.19 3.20 4.26
C GLY B 285 18.88 3.05 5.01
N ALA B 286 17.84 2.56 4.34
CA ALA B 286 16.59 2.21 5.00
C ALA B 286 16.68 0.86 5.71
N GLY B 287 17.84 0.20 5.62
CA GLY B 287 18.04 -1.07 6.27
C GLY B 287 17.93 -2.28 5.37
N GLY B 288 17.88 -2.08 4.04
CA GLY B 288 17.76 -3.21 3.14
C GLY B 288 19.10 -3.83 2.79
N LYS B 289 19.07 -5.13 2.51
CA LYS B 289 20.24 -5.85 2.02
C LYS B 289 20.16 -5.87 0.49
N VAL B 290 21.00 -5.07 -0.14
CA VAL B 290 20.79 -4.66 -1.52
C VAL B 290 21.61 -5.54 -2.45
N THR B 291 20.96 -5.97 -3.53
CA THR B 291 21.61 -6.54 -4.70
C THR B 291 21.31 -5.63 -5.88
N ILE B 292 22.36 -5.17 -6.55
CA ILE B 292 22.22 -4.33 -7.73
C ILE B 292 22.31 -5.21 -8.97
N THR B 293 21.33 -5.11 -9.87
CA THR B 293 21.41 -5.95 -11.05
C THR B 293 20.71 -5.26 -12.21
N LYS B 294 20.34 -6.04 -13.22
CA LYS B 294 19.68 -5.51 -14.40
C LYS B 294 18.98 -6.66 -15.09
N PRO B 295 18.09 -6.38 -16.05
CA PRO B 295 17.44 -7.46 -16.77
C PRO B 295 18.42 -8.19 -17.68
N THR B 296 18.02 -9.38 -18.12
CA THR B 296 18.90 -10.15 -18.98
C THR B 296 18.10 -10.78 -20.11
N GLU B 297 18.59 -10.61 -21.34
CA GLU B 297 18.04 -11.34 -22.48
C GLU B 297 18.38 -12.82 -22.39
N GLN B 298 19.48 -13.13 -21.71
CA GLN B 298 20.09 -14.45 -21.73
C GLN B 298 19.35 -15.40 -20.79
N GLY B 299 18.87 -16.50 -21.34
CA GLY B 299 18.43 -17.58 -20.48
C GLY B 299 19.58 -18.47 -20.06
N LEU B 300 19.46 -19.77 -20.30
CA LEU B 300 20.58 -20.68 -20.07
C LEU B 300 21.70 -20.40 -21.06
N LYS B 301 22.92 -20.21 -20.54
CA LYS B 301 24.08 -19.84 -21.34
C LYS B 301 25.25 -20.76 -20.99
N VAL B 302 25.91 -21.30 -22.01
CA VAL B 302 27.10 -22.13 -21.79
C VAL B 302 28.29 -21.18 -21.64
N ASP B 303 28.77 -20.99 -20.40
CA ASP B 303 29.80 -20.00 -20.10
C ASP B 303 31.16 -20.31 -20.73
C8 MEV C . -10.69 14.26 2.56
O8 MEV C . -11.02 14.28 3.93
C2 MEV C . -11.77 13.45 1.84
C3 MEV C . -11.54 13.34 0.34
O7 MEV C . -12.30 12.29 -0.20
C4 MEV C . -11.96 14.65 -0.31
C5 MEV C . -13.48 14.71 -0.48
O3 MEV C . -14.14 13.64 -0.42
O4 MEV C . -14.05 15.82 -0.69
C6 MEV C . -10.06 13.09 0.08
K K D . -10.89 30.48 10.53
C1 GOL E . -32.25 33.23 10.19
O1 GOL E . -30.85 33.50 10.16
C2 GOL E . -32.91 33.94 11.45
O2 GOL E . -32.47 33.39 12.65
C3 GOL E . -32.60 35.47 11.32
O3 GOL E . -33.51 36.07 10.43
C1 GOL F . -25.91 11.76 13.55
O1 GOL F . -25.11 10.62 13.41
C2 GOL F . -27.14 11.60 12.60
O2 GOL F . -26.79 11.59 11.24
C3 GOL F . -28.17 12.74 12.99
O3 GOL F . -28.39 12.66 14.37
C1 GOL G . -13.13 27.10 25.37
O1 GOL G . -14.47 26.70 25.38
C2 GOL G . -12.41 26.52 26.62
O2 GOL G . -11.66 25.38 26.31
C3 GOL G . -13.54 26.22 27.66
O3 GOL G . -14.16 27.44 27.97
C1 GOL H . -1.59 40.83 11.17
O1 GOL H . -2.84 40.34 10.74
C2 GOL H . -0.53 40.40 10.11
O2 GOL H . 0.29 39.36 10.56
C3 GOL H . 0.26 41.70 9.77
O3 GOL H . 0.84 41.53 8.50
C1 GOL I . -21.91 43.97 20.90
O1 GOL I . -21.91 42.74 20.23
C2 GOL I . -22.08 45.08 19.83
O2 GOL I . -22.12 46.36 20.41
C3 GOL I . -23.37 44.70 19.08
O3 GOL I . -23.08 43.57 18.31
C1 GOL J . -26.55 25.63 18.85
O1 GOL J . -26.59 27.07 18.86
C2 GOL J . -28.00 25.05 19.09
O2 GOL J . -28.02 24.12 20.12
C3 GOL J . -28.41 24.39 17.74
O3 GOL J . -29.82 24.45 17.62
C1 GOL K . -6.96 20.17 8.06
O1 GOL K . -7.12 21.50 7.70
C2 GOL K . -8.26 19.80 8.83
O2 GOL K . -8.05 18.81 9.81
C3 GOL K . -9.33 19.42 7.71
O3 GOL K . -10.19 20.57 7.55
C8 MEV L . 5.72 -16.54 -5.44
C8 MEV L . 5.22 -16.68 -5.79
O8 MEV L . 6.82 -16.61 -6.30
O8 MEV L . 6.51 -16.82 -6.31
C2 MEV L . 4.66 -15.69 -6.14
C2 MEV L . 4.30 -16.35 -6.97
C3 MEV L . 3.22 -16.20 -5.99
C3 MEV L . 2.83 -16.15 -6.57
O7 MEV L . 2.49 -15.84 -7.13
O7 MEV L . 2.21 -15.39 -7.57
C4 MEV L . 3.18 -17.71 -5.80
C4 MEV L . 2.12 -17.51 -6.47
C5 MEV L . 3.59 -18.54 -7.03
C5 MEV L . 0.59 -17.36 -6.53
O3 MEV L . 3.72 -19.79 -6.92
O3 MEV L . 0.02 -16.99 -7.60
O4 MEV L . 3.81 -17.96 -8.13
O4 MEV L . -0.10 -17.63 -5.50
C6 MEV L . 2.57 -15.54 -4.77
C6 MEV L . 2.74 -15.42 -5.24
K K M . 15.48 -17.58 -4.58
C1 GOL N . 12.82 7.29 -19.52
O1 GOL N . 13.79 6.32 -19.75
C2 GOL N . 11.57 6.87 -20.37
O2 GOL N . 11.80 5.72 -21.12
C3 GOL N . 10.45 6.67 -19.33
O3 GOL N . 9.29 6.40 -20.07
C1 GOL O . 13.42 -20.35 -3.00
O1 GOL O . 14.65 -20.08 -2.32
C2 GOL O . 13.55 -19.94 -4.47
O2 GOL O . 14.15 -21.00 -5.20
C3 GOL O . 12.17 -19.63 -5.03
O3 GOL O . 12.27 -18.57 -5.99
C1 GOL P . 14.53 -15.35 4.69
O1 GOL P . 15.08 -15.68 5.95
C2 GOL P . 15.64 -14.70 3.81
O2 GOL P . 16.39 -13.74 4.50
C3 GOL P . 14.88 -14.08 2.59
O3 GOL P . 14.46 -12.79 2.94
C1 GOL Q . 15.20 -38.08 -5.72
O1 GOL Q . 14.94 -36.76 -5.31
C2 GOL Q . 15.34 -38.98 -4.46
O2 GOL Q . 14.52 -38.56 -3.41
C3 GOL Q . 15.00 -40.42 -4.95
O3 GOL Q . 13.61 -40.49 -5.13
C1 GOL R . 21.54 -2.73 -23.28
O1 GOL R . 22.88 -2.76 -22.90
C2 GOL R . 21.51 -2.50 -24.81
O2 GOL R . 21.24 -3.67 -25.52
C3 GOL R . 20.43 -1.41 -25.04
O3 GOL R . 21.09 -0.19 -25.03
C1 GOL S . 10.10 -15.84 0.68
O1 GOL S . 10.50 -15.23 1.91
C2 GOL S . 8.73 -15.18 0.24
O2 GOL S . 8.77 -13.81 0.37
C3 GOL S . 8.50 -15.56 -1.26
O3 GOL S . 8.76 -16.93 -1.45
C1 GOL T . 6.64 -9.77 11.18
O1 GOL T . 6.95 -9.99 9.84
C2 GOL T . 7.32 -8.44 11.60
O2 GOL T . 8.69 -8.43 11.32
C3 GOL T . 6.55 -7.33 10.82
O3 GOL T . 7.49 -6.39 10.34
#